data_7SWF
#
_entry.id   7SWF
#
_cell.length_a   1.00
_cell.length_b   1.00
_cell.length_c   1.00
_cell.angle_alpha   90.00
_cell.angle_beta   90.00
_cell.angle_gamma   90.00
#
_symmetry.space_group_name_H-M   'P 1'
#
loop_
_entity.id
_entity.type
_entity.pdbx_description
1 polymer 'Protein argonaute 10'
2 polymer "RNA (5'-R(P*UP*GP*GP*AP*GP*UP*GP*UP*GP*AP*CP*AP*AP*UP*GP*GP*U)-3')"
3 polymer "RNA (5'-R(P*CP*CP*AP*UP*UP*GP*UP*CP*AP*CP*AP*CP*UP*CP*CP*AP*A)-3')"
4 non-polymer 'MAGNESIUM ION'
#
loop_
_entity_poly.entity_id
_entity_poly.type
_entity_poly.pdbx_seq_one_letter_code
_entity_poly.pdbx_strand_id
1 'polypeptide(L)'
;MPIRQMKDSSETHLVIKTQPLKHHNPKTVQNGKIPPPSPSPVTVTTPATVTQSQASSPSPPSKNRSRRRNRGGRKSDQGD
VCMRPSSRPRKPPPPSQTTSSAVSVATAGEIVAVNHQMQMGVRKNSNFAPRPGFGTLGTKCIVKANHFLADLPTKDLNQY
DVTITPEVSSKSVNRAIIAELVRLYKESDLGRRLPAYDGRKSLYTAGELPFTWKEFSVKIVDEDDGIINGPKRERSYKVA
IKFVARANMHHLGEFLAGKRADCPQEAVQILDIVLRELSVKRFCPVGRSFFSPDIKTPQRLGEGLESWCGFYQSIRPTQM
GLSLNIDMASAAFIEPLPVIEFVAQLLGKDVLSKPLSDSDRVKIKKGLRGVKVEVTHRANVRRKYRVAGLTTQPTRELMF
PVDENCTMKSVIEYFQEMYGFTIQHTHLPCLQVGNQKKASYLPMEACKIVEGQRYTKRLNEKQITALLKVTCQRPRDREN
DILRTVQHNAYDQDPYAKEFGMNISEKLASVEARILPAPWLKYHENGKEKDCLPQVGQWNMMNKKMINGMTVSRWACVNF
SRSVQENVARGFCNELGQMCEVSGMEFNPEPVIPIYSARPDQVEKALKHVYHTSMNKTKGKELELLLAILPDNNGSLYGD
LKRICETELGLISQCCLTKHVFKISKQYLANVSLKINVKMGGRNTVLVDAISCRIPLVSDIPTIIFGADVTHPENGEESS
PSIAAVVASQDWPEVTKYAGLVCAQAHRQELIQDLYKTWQDPVRGTVSGGMIRDLLISFRKATGQKPLRIIFYRAGVSEG
QFYQVLLYELDAIRKACASLEPNYQPPVTFIVVQKRHHTRLFANNHRDKNSTDRSGNILPGTVVDTKICHPTEFDFYLCS
HAGIQGTSRPAHYHVLWDENNFTADGIQSLTNNLCYTYARCTRSVSIVPPAYYAHLAAFRARFYLEPEIMQDNGSPGKKN
TKTTTVGDVGVKPLPALKENVKRVMFYC
;
A
2 'polyribonucleotide' UGGAGUGUGACAAUGGUGUUU B
3 'polyribonucleotide' CCAUUGUCACACUCCAAA D
#
loop_
_chem_comp.id
_chem_comp.type
_chem_comp.name
_chem_comp.formula
A RNA linking ADENOSINE-5'-MONOPHOSPHATE 'C10 H14 N5 O7 P'
C RNA linking CYTIDINE-5'-MONOPHOSPHATE 'C9 H14 N3 O8 P'
G RNA linking GUANOSINE-5'-MONOPHOSPHATE 'C10 H14 N5 O8 P'
MG non-polymer 'MAGNESIUM ION' 'Mg 2'
U RNA linking URIDINE-5'-MONOPHOSPHATE 'C9 H13 N2 O9 P'
#
# COMPACT_ATOMS: atom_id res chain seq x y z
N SER A 126 -15.14 20.43 13.88
CA SER A 126 -14.37 21.67 13.96
C SER A 126 -12.96 21.47 13.44
N ASN A 127 -12.01 21.34 14.36
CA ASN A 127 -10.62 21.12 14.03
C ASN A 127 -10.12 19.87 14.73
N PHE A 128 -8.98 19.37 14.26
CA PHE A 128 -8.41 18.15 14.80
C PHE A 128 -7.72 18.46 16.13
N ALA A 129 -7.02 17.47 16.68
CA ALA A 129 -6.36 17.66 17.96
C ALA A 129 -5.00 18.32 17.75
N PRO A 130 -4.70 19.40 18.47
CA PRO A 130 -3.42 20.10 18.28
C PRO A 130 -2.26 19.24 18.76
N ARG A 131 -1.05 19.79 18.57
CA ARG A 131 0.16 19.08 18.93
C ARG A 131 0.60 19.47 20.33
N PRO A 132 0.79 18.52 21.26
CA PRO A 132 1.25 18.86 22.60
C PRO A 132 2.76 18.91 22.77
N GLY A 133 3.53 18.93 21.69
CA GLY A 133 4.97 19.07 21.78
C GLY A 133 5.69 17.95 21.06
N PHE A 134 7.01 17.95 21.22
CA PHE A 134 7.87 16.93 20.65
C PHE A 134 8.43 16.05 21.77
N GLY A 135 8.77 14.81 21.41
CA GLY A 135 9.36 13.90 22.36
C GLY A 135 10.83 14.19 22.58
N THR A 136 11.39 13.54 23.61
CA THR A 136 12.81 13.71 23.91
C THR A 136 13.50 12.37 24.13
N LEU A 137 12.75 11.37 24.56
CA LEU A 137 13.34 10.06 24.85
C LEU A 137 13.79 9.38 23.56
N GLY A 138 14.64 8.38 23.71
CA GLY A 138 15.28 7.73 22.60
C GLY A 138 16.63 8.34 22.27
N THR A 139 17.36 7.66 21.39
CA THR A 139 18.68 8.13 20.99
C THR A 139 18.51 9.24 19.95
N LYS A 140 19.60 9.63 19.30
CA LYS A 140 19.54 10.66 18.27
C LYS A 140 20.17 10.13 16.99
N CYS A 141 19.61 10.54 15.85
CA CYS A 141 20.16 10.21 14.55
C CYS A 141 19.62 11.23 13.55
N ILE A 142 20.28 11.30 12.40
CA ILE A 142 19.94 12.27 11.36
C ILE A 142 19.41 11.51 10.16
N VAL A 143 18.17 11.77 9.78
CA VAL A 143 17.55 11.14 8.63
C VAL A 143 17.24 12.20 7.60
N LYS A 144 17.52 11.88 6.34
CA LYS A 144 17.36 12.82 5.23
C LYS A 144 16.20 12.34 4.37
N ALA A 145 15.01 12.90 4.58
CA ALA A 145 13.86 12.54 3.77
C ALA A 145 13.92 13.25 2.43
N ASN A 146 12.92 13.00 1.59
CA ASN A 146 12.81 13.65 0.29
C ASN A 146 11.70 14.70 0.39
N HIS A 147 12.09 15.89 0.81
CA HIS A 147 11.19 17.04 0.89
C HIS A 147 12.03 18.28 0.64
N PHE A 148 12.11 18.70 -0.62
CA PHE A 148 12.90 19.87 -0.99
C PHE A 148 12.10 21.12 -0.65
N LEU A 149 12.61 21.90 0.30
CA LEU A 149 11.92 23.13 0.67
C LEU A 149 11.90 24.10 -0.49
N ALA A 150 10.76 24.75 -0.69
CA ALA A 150 10.56 25.66 -1.81
C ALA A 150 10.21 27.03 -1.25
N ASP A 151 11.15 27.97 -1.37
CA ASP A 151 10.90 29.34 -0.95
C ASP A 151 9.88 29.97 -1.87
N LEU A 152 8.66 30.14 -1.37
CA LEU A 152 7.55 30.55 -2.22
C LEU A 152 7.68 32.02 -2.60
N PRO A 153 7.64 32.36 -3.89
CA PRO A 153 7.65 33.76 -4.31
C PRO A 153 6.26 34.39 -4.29
N THR A 154 5.85 34.93 -3.14
CA THR A 154 4.51 35.49 -2.99
C THR A 154 4.48 36.97 -3.37
N LYS A 155 5.35 37.40 -4.29
CA LYS A 155 5.37 38.79 -4.71
C LYS A 155 4.03 39.20 -5.31
N ASP A 156 3.65 38.57 -6.43
CA ASP A 156 2.35 38.84 -7.05
C ASP A 156 2.04 37.81 -8.12
N LEU A 157 0.81 37.30 -8.13
CA LEU A 157 0.37 36.34 -9.12
C LEU A 157 -1.08 36.62 -9.47
N ASN A 158 -1.40 36.54 -10.76
CA ASN A 158 -2.74 36.83 -11.25
C ASN A 158 -3.23 35.69 -12.13
N GLN A 159 -4.51 35.34 -11.97
CA GLN A 159 -5.14 34.32 -12.79
C GLN A 159 -5.86 34.95 -13.97
N TYR A 160 -6.23 34.12 -14.93
CA TYR A 160 -6.93 34.58 -16.12
C TYR A 160 -7.84 33.46 -16.62
N ASP A 161 -8.30 33.59 -17.85
CA ASP A 161 -9.25 32.64 -18.42
C ASP A 161 -9.12 32.66 -19.94
N VAL A 162 -9.85 31.77 -20.60
CA VAL A 162 -9.88 31.69 -22.06
C VAL A 162 -11.32 31.85 -22.54
N THR A 163 -11.51 32.67 -23.57
CA THR A 163 -12.81 32.86 -24.21
C THR A 163 -12.68 32.28 -25.61
N ILE A 164 -12.95 30.99 -25.75
CA ILE A 164 -12.78 30.24 -26.99
C ILE A 164 -14.13 29.71 -27.43
N THR A 165 -14.46 29.90 -28.71
CA THR A 165 -15.70 29.40 -29.27
C THR A 165 -15.69 27.90 -29.54
N PRO A 166 -14.59 27.30 -30.03
CA PRO A 166 -14.55 25.84 -30.15
C PRO A 166 -14.09 25.22 -28.83
N GLU A 167 -13.94 23.90 -28.84
CA GLU A 167 -13.49 23.17 -27.67
C GLU A 167 -12.53 22.06 -28.10
N VAL A 168 -11.37 22.00 -27.46
CA VAL A 168 -10.36 20.99 -27.71
C VAL A 168 -10.11 20.24 -26.42
N SER A 169 -10.25 18.92 -26.46
CA SER A 169 -10.07 18.07 -25.28
C SER A 169 -8.67 17.46 -25.20
N SER A 170 -7.84 17.71 -26.20
CA SER A 170 -6.49 17.09 -26.22
C SER A 170 -5.55 17.98 -25.41
N LYS A 171 -5.12 17.54 -24.23
CA LYS A 171 -4.28 18.43 -23.38
C LYS A 171 -3.08 18.90 -24.19
N SER A 172 -2.35 17.97 -24.82
CA SER A 172 -1.11 18.33 -25.57
C SER A 172 -1.43 19.35 -26.68
N VAL A 173 -2.49 19.09 -27.46
CA VAL A 173 -2.85 19.99 -28.58
C VAL A 173 -3.16 21.38 -28.02
N ASN A 174 -3.97 21.45 -26.97
CA ASN A 174 -4.36 22.75 -26.38
C ASN A 174 -3.09 23.47 -25.91
N ARG A 175 -2.16 22.74 -25.32
CA ARG A 175 -0.89 23.34 -24.82
C ARG A 175 -0.10 23.93 -26.00
N ALA A 176 0.06 23.16 -27.07
CA ALA A 176 0.76 23.68 -28.26
C ALA A 176 0.04 24.94 -28.75
N ILE A 177 -1.29 24.92 -28.78
CA ILE A 177 -2.08 26.10 -29.24
C ILE A 177 -1.68 27.29 -28.39
N ILE A 178 -1.79 27.17 -27.06
CA ILE A 178 -1.50 28.34 -26.18
C ILE A 178 -0.07 28.80 -26.47
N ALA A 179 0.88 27.88 -26.56
CA ALA A 179 2.29 28.27 -26.75
C ALA A 179 2.42 29.12 -28.01
N GLU A 180 1.91 28.60 -29.13
CA GLU A 180 2.05 29.33 -30.41
C GLU A 180 1.37 30.69 -30.30
N LEU A 181 0.16 30.74 -29.72
CA LEU A 181 -0.59 32.02 -29.65
C LEU A 181 0.21 33.04 -28.85
N VAL A 182 0.80 32.60 -27.73
CA VAL A 182 1.61 33.50 -26.87
C VAL A 182 2.81 34.01 -27.69
N ARG A 183 3.52 33.09 -28.34
CA ARG A 183 4.71 33.48 -29.13
C ARG A 183 4.27 34.54 -30.13
N LEU A 184 3.10 34.36 -30.73
CA LEU A 184 2.58 35.32 -31.73
C LEU A 184 2.54 36.72 -31.12
N TYR A 185 2.42 36.81 -29.78
CA TYR A 185 2.34 38.13 -29.17
C TYR A 185 3.08 38.18 -27.83
N LYS A 186 4.28 37.59 -27.77
CA LYS A 186 5.05 37.60 -26.54
C LYS A 186 5.43 39.02 -26.13
N GLU A 187 5.99 39.79 -27.07
CA GLU A 187 6.48 41.13 -26.76
C GLU A 187 5.63 42.23 -27.37
N SER A 188 4.76 41.91 -28.33
CA SER A 188 3.95 42.94 -28.97
C SER A 188 2.98 43.57 -27.98
N ASP A 189 2.30 42.74 -27.18
CA ASP A 189 1.30 43.23 -26.23
C ASP A 189 1.56 42.82 -24.80
N LEU A 190 1.98 41.58 -24.56
CA LEU A 190 2.19 41.09 -23.20
C LEU A 190 3.30 41.87 -22.50
N GLY A 191 4.53 41.70 -22.97
CA GLY A 191 5.65 42.48 -22.49
C GLY A 191 6.44 41.81 -21.39
N ARG A 192 7.59 41.24 -21.74
CA ARG A 192 8.56 40.70 -20.77
C ARG A 192 7.89 39.75 -19.78
N ARG A 193 6.99 38.91 -20.27
CA ARG A 193 6.25 37.99 -19.42
C ARG A 193 6.20 36.61 -20.05
N LEU A 194 6.06 35.60 -19.19
CA LEU A 194 5.93 34.20 -19.60
C LEU A 194 4.71 33.61 -18.91
N PRO A 195 3.52 33.85 -19.44
CA PRO A 195 2.30 33.36 -18.78
C PRO A 195 2.23 31.84 -18.77
N ALA A 196 1.58 31.31 -17.74
CA ALA A 196 1.40 29.88 -17.56
C ALA A 196 0.01 29.45 -17.99
N TYR A 197 -0.23 28.15 -17.97
CA TYR A 197 -1.51 27.58 -18.39
C TYR A 197 -1.64 26.18 -17.81
N ASP A 198 -2.65 25.97 -16.98
CA ASP A 198 -2.83 24.66 -16.36
C ASP A 198 -3.24 23.61 -17.37
N GLY A 199 -4.22 23.92 -18.21
CA GLY A 199 -4.82 22.93 -19.09
C GLY A 199 -6.31 23.16 -19.19
N ARG A 200 -6.79 24.10 -18.38
CA ARG A 200 -8.19 24.47 -18.30
C ARG A 200 -8.31 25.98 -18.49
N LYS A 201 -9.50 26.52 -18.24
CA LYS A 201 -9.77 27.95 -18.43
C LYS A 201 -9.04 28.74 -17.35
N SER A 202 -7.71 28.85 -17.52
CA SER A 202 -6.88 29.56 -16.56
C SER A 202 -5.49 29.87 -17.12
N LEU A 203 -5.06 31.12 -16.98
CA LEU A 203 -3.70 31.54 -17.33
C LEU A 203 -3.11 32.29 -16.15
N TYR A 204 -1.85 32.00 -15.83
CA TYR A 204 -1.16 32.59 -14.68
C TYR A 204 0.07 33.33 -15.17
N THR A 205 0.17 34.60 -14.78
CA THR A 205 1.27 35.48 -15.18
C THR A 205 2.03 35.94 -13.94
N ALA A 206 2.97 36.86 -14.15
CA ALA A 206 3.71 37.47 -13.06
C ALA A 206 2.96 38.64 -12.44
N GLY A 207 1.79 38.99 -12.97
CA GLY A 207 1.02 40.10 -12.43
C GLY A 207 -0.11 40.46 -13.36
N GLU A 208 -0.68 41.63 -13.13
CA GLU A 208 -1.77 42.15 -13.96
C GLU A 208 -1.17 42.93 -15.11
N LEU A 209 -1.37 42.45 -16.33
CA LEU A 209 -0.82 43.10 -17.51
C LEU A 209 -1.60 44.39 -17.82
N PRO A 210 -0.93 45.38 -18.41
CA PRO A 210 -1.60 46.69 -18.62
C PRO A 210 -2.86 46.61 -19.45
N PHE A 211 -2.91 45.74 -20.46
CA PHE A 211 -4.07 45.68 -21.33
C PHE A 211 -5.28 45.07 -20.62
N THR A 212 -6.47 45.39 -21.11
CA THR A 212 -7.71 44.83 -20.57
C THR A 212 -8.69 44.33 -21.61
N TRP A 213 -8.57 44.73 -22.88
CA TRP A 213 -9.53 44.37 -23.91
C TRP A 213 -8.82 43.91 -25.17
N LYS A 214 -7.82 43.03 -25.02
CA LYS A 214 -7.11 42.50 -26.17
C LYS A 214 -8.02 41.59 -26.99
N GLU A 215 -7.75 41.54 -28.30
CA GLU A 215 -8.51 40.71 -29.24
C GLU A 215 -7.52 39.90 -30.05
N PHE A 216 -7.69 38.58 -30.06
CA PHE A 216 -6.82 37.70 -30.84
C PHE A 216 -7.60 36.49 -31.32
N SER A 217 -7.31 36.08 -32.54
CA SER A 217 -7.90 34.89 -33.17
C SER A 217 -6.83 34.07 -33.85
N VAL A 218 -5.73 33.80 -33.12
CA VAL A 218 -4.60 33.08 -33.70
C VAL A 218 -5.00 31.65 -33.97
N LYS A 219 -4.97 31.26 -35.24
CA LYS A 219 -5.34 29.91 -35.64
C LYS A 219 -4.12 28.98 -35.55
N ILE A 220 -4.38 27.71 -35.81
CA ILE A 220 -3.35 26.67 -35.80
C ILE A 220 -3.39 25.95 -37.15
N VAL A 221 -2.21 25.77 -37.75
CA VAL A 221 -2.08 25.10 -39.04
C VAL A 221 -1.18 23.89 -38.86
N ASP A 222 -1.67 22.72 -39.28
CA ASP A 222 -0.91 21.49 -39.19
C ASP A 222 -0.91 20.74 -40.51
N GLU A 234 -8.66 24.43 -37.11
CA GLU A 234 -8.75 25.39 -38.21
C GLU A 234 -10.03 26.21 -38.11
N ARG A 235 -10.34 26.68 -36.90
CA ARG A 235 -11.52 27.50 -36.66
C ARG A 235 -11.11 28.77 -35.95
N SER A 236 -11.83 29.86 -36.23
CA SER A 236 -11.53 31.13 -35.60
C SER A 236 -11.85 31.08 -34.11
N TYR A 237 -10.97 31.67 -33.31
CA TYR A 237 -11.11 31.71 -31.86
C TYR A 237 -11.30 33.18 -31.46
N LYS A 238 -12.55 33.63 -31.48
CA LYS A 238 -12.84 35.00 -31.08
C LYS A 238 -12.78 35.13 -29.56
N VAL A 239 -12.03 36.12 -29.07
CA VAL A 239 -11.82 36.31 -27.65
C VAL A 239 -12.20 37.73 -27.28
N ALA A 240 -12.63 37.91 -26.03
CA ALA A 240 -12.94 39.23 -25.50
C ALA A 240 -12.62 39.19 -24.01
N ILE A 241 -11.41 39.59 -23.64
CA ILE A 241 -10.96 39.56 -22.26
C ILE A 241 -11.55 40.74 -21.51
N LYS A 242 -11.71 40.58 -20.20
CA LYS A 242 -12.28 41.63 -19.37
C LYS A 242 -11.26 42.12 -18.34
N ASP A 262 -4.08 32.56 2.80
CA ASP A 262 -4.47 32.77 1.41
C ASP A 262 -3.26 33.08 0.55
N CYS A 263 -2.31 33.82 1.11
CA CYS A 263 -1.10 34.17 0.37
C CYS A 263 -0.28 32.93 -0.04
N PRO A 264 0.01 31.96 0.84
CA PRO A 264 0.83 30.83 0.38
C PRO A 264 0.09 29.87 -0.53
N GLN A 265 -1.17 29.56 -0.24
CA GLN A 265 -1.86 28.48 -0.95
C GLN A 265 -1.99 28.79 -2.43
N GLU A 266 -2.52 29.96 -2.78
CA GLU A 266 -2.69 30.30 -4.19
C GLU A 266 -1.34 30.45 -4.90
N ALA A 267 -0.38 31.11 -4.24
CA ALA A 267 0.92 31.34 -4.85
C ALA A 267 1.59 30.02 -5.20
N VAL A 268 1.53 29.05 -4.30
CA VAL A 268 2.20 27.79 -4.60
C VAL A 268 1.33 26.84 -5.41
N GLN A 269 0.02 27.04 -5.47
CA GLN A 269 -0.74 26.37 -6.51
C GLN A 269 -0.28 26.82 -7.88
N ILE A 270 -0.05 28.13 -8.04
CA ILE A 270 0.55 28.63 -9.27
C ILE A 270 1.94 28.04 -9.46
N LEU A 271 2.69 27.89 -8.35
CA LEU A 271 3.99 27.25 -8.43
C LEU A 271 3.87 25.84 -9.00
N ASP A 272 2.92 25.05 -8.50
CA ASP A 272 2.72 23.71 -9.00
C ASP A 272 2.32 23.71 -10.47
N ILE A 273 1.50 24.67 -10.86
CA ILE A 273 1.12 24.78 -12.27
C ILE A 273 2.35 25.01 -13.13
N VAL A 274 3.23 25.91 -12.71
CA VAL A 274 4.43 26.17 -13.52
C VAL A 274 5.40 25.01 -13.42
N LEU A 275 5.38 24.26 -12.32
CA LEU A 275 6.19 23.05 -12.21
C LEU A 275 5.77 22.03 -13.26
N ARG A 276 4.47 21.78 -13.35
CA ARG A 276 3.96 20.85 -14.35
C ARG A 276 4.20 21.37 -15.76
N GLU A 277 4.09 22.69 -15.94
CA GLU A 277 4.37 23.28 -17.25
C GLU A 277 5.82 23.03 -17.65
N LEU A 278 6.75 23.23 -16.72
CA LEU A 278 8.17 22.98 -16.99
C LEU A 278 8.41 21.52 -17.30
N SER A 279 7.80 20.61 -16.52
CA SER A 279 8.02 19.19 -16.74
C SER A 279 7.48 18.76 -18.10
N VAL A 280 6.31 19.27 -18.49
CA VAL A 280 5.76 18.94 -19.79
C VAL A 280 6.62 19.52 -20.90
N LYS A 281 7.09 20.76 -20.73
CA LYS A 281 7.91 21.39 -21.75
C LYS A 281 9.23 20.65 -21.97
N ARG A 282 9.84 20.18 -20.89
CA ARG A 282 11.12 19.49 -21.00
C ARG A 282 10.95 18.01 -21.35
N PHE A 283 10.29 17.25 -20.48
CA PHE A 283 10.14 15.81 -20.63
C PHE A 283 8.74 15.49 -21.15
N CYS A 284 8.39 14.20 -21.18
CA CYS A 284 7.11 13.77 -21.69
C CYS A 284 6.21 13.27 -20.57
N PRO A 285 4.86 13.43 -20.71
CA PRO A 285 3.92 13.01 -19.68
C PRO A 285 3.42 11.58 -19.84
N VAL A 286 3.16 10.90 -18.73
CA VAL A 286 2.68 9.49 -18.77
C VAL A 286 2.00 9.19 -17.43
N GLY A 287 0.68 8.96 -17.45
CA GLY A 287 -0.02 8.61 -16.21
C GLY A 287 0.46 9.46 -15.04
N ARG A 288 0.37 10.79 -15.16
CA ARG A 288 0.72 11.69 -14.03
C ARG A 288 2.24 11.78 -13.82
N SER A 289 2.95 10.67 -13.94
CA SER A 289 4.41 10.72 -13.65
C SER A 289 5.20 11.04 -14.92
N PHE A 290 5.98 12.13 -14.91
CA PHE A 290 6.86 12.44 -16.07
C PHE A 290 8.07 11.52 -16.06
N PHE A 291 8.49 11.04 -17.23
CA PHE A 291 9.66 10.18 -17.37
C PHE A 291 10.61 10.80 -18.39
N SER A 292 11.91 10.78 -18.09
CA SER A 292 12.91 11.37 -18.96
C SER A 292 14.03 10.36 -19.20
N PRO A 293 14.49 10.20 -20.43
CA PRO A 293 15.53 9.20 -20.71
C PRO A 293 16.86 9.48 -20.02
N ASP A 294 17.43 10.66 -20.27
CA ASP A 294 18.78 10.98 -19.81
C ASP A 294 18.75 11.33 -18.32
N ILE A 295 18.56 10.31 -17.49
CA ILE A 295 18.56 10.49 -16.05
C ILE A 295 19.64 9.63 -15.41
N LYS A 296 19.55 8.31 -15.57
CA LYS A 296 20.49 7.38 -14.95
C LYS A 296 20.97 6.36 -15.95
N THR A 297 21.36 6.82 -17.15
CA THR A 297 21.91 5.99 -18.21
C THR A 297 20.98 4.81 -18.49
N PRO A 298 19.84 5.04 -19.14
CA PRO A 298 18.86 3.96 -19.33
C PRO A 298 19.47 2.80 -20.10
N GLN A 299 19.10 1.59 -19.69
CA GLN A 299 19.62 0.37 -20.28
C GLN A 299 18.47 -0.57 -20.63
N ARG A 300 18.68 -1.37 -21.66
CA ARG A 300 17.65 -2.30 -22.11
C ARG A 300 17.60 -3.53 -21.22
N LEU A 301 16.38 -4.01 -20.99
CA LEU A 301 16.15 -5.20 -20.19
C LEU A 301 15.48 -6.33 -20.96
N GLY A 302 15.09 -6.09 -22.21
CA GLY A 302 14.47 -7.13 -23.03
C GLY A 302 14.93 -7.08 -24.47
N GLU A 303 14.04 -7.45 -25.39
CA GLU A 303 14.40 -7.45 -26.81
C GLU A 303 14.71 -6.04 -27.30
N GLY A 304 13.78 -5.11 -27.07
CA GLY A 304 13.99 -3.73 -27.46
C GLY A 304 13.52 -2.78 -26.39
N LEU A 305 12.92 -3.32 -25.34
CA LEU A 305 12.41 -2.51 -24.24
C LEU A 305 13.56 -2.06 -23.35
N GLU A 306 13.68 -0.75 -23.18
CA GLU A 306 14.69 -0.14 -22.34
C GLU A 306 14.02 0.83 -21.38
N SER A 307 14.44 0.80 -20.11
CA SER A 307 13.78 1.53 -19.04
C SER A 307 14.73 2.55 -18.44
N TRP A 308 14.31 3.81 -18.43
CA TRP A 308 15.00 4.88 -17.73
C TRP A 308 14.40 5.03 -16.32
N CYS A 309 14.72 6.13 -15.65
CA CYS A 309 14.23 6.43 -14.31
C CYS A 309 13.49 7.74 -14.34
N GLY A 310 12.17 7.69 -14.18
CA GLY A 310 11.33 8.87 -14.14
C GLY A 310 11.14 9.39 -12.73
N PHE A 311 10.10 10.21 -12.56
CA PHE A 311 9.80 10.84 -11.28
C PHE A 311 8.38 11.39 -11.33
N TYR A 312 7.95 11.96 -10.19
CA TYR A 312 6.59 12.55 -10.08
C TYR A 312 6.51 13.50 -8.87
N GLN A 313 6.28 14.81 -9.09
CA GLN A 313 6.30 15.78 -8.01
C GLN A 313 4.91 15.94 -7.41
N SER A 314 4.88 16.47 -6.19
CA SER A 314 3.63 16.84 -5.54
C SER A 314 3.95 17.80 -4.40
N ILE A 315 3.49 19.04 -4.50
CA ILE A 315 3.74 20.00 -3.44
C ILE A 315 2.90 19.64 -2.21
N ARG A 316 3.47 19.85 -1.03
CA ARG A 316 2.73 19.50 0.21
C ARG A 316 3.03 20.58 1.26
N PRO A 317 2.04 21.09 2.01
CA PRO A 317 2.27 22.18 2.98
C PRO A 317 2.85 21.66 4.28
N THR A 318 4.13 21.29 4.28
CA THR A 318 4.74 20.64 5.43
C THR A 318 5.13 21.68 6.48
N GLN A 319 5.90 21.24 7.48
CA GLN A 319 6.20 22.07 8.64
C GLN A 319 7.27 23.12 8.38
N MET A 320 8.23 22.83 7.51
CA MET A 320 9.35 23.72 7.26
C MET A 320 8.99 24.86 6.32
N GLY A 321 7.71 25.15 6.14
CA GLY A 321 7.28 25.90 4.99
C GLY A 321 7.09 24.92 3.87
N LEU A 322 6.05 25.10 3.07
CA LEU A 322 5.66 24.07 2.09
C LEU A 322 6.82 23.72 1.18
N SER A 323 6.84 22.46 0.74
CA SER A 323 7.97 21.88 0.05
C SER A 323 7.50 21.01 -1.10
N LEU A 324 8.33 20.93 -2.13
CA LEU A 324 8.07 20.03 -3.23
C LEU A 324 8.55 18.63 -2.91
N ASN A 325 7.81 17.63 -3.37
CA ASN A 325 8.11 16.24 -3.11
C ASN A 325 8.62 15.58 -4.39
N ILE A 326 9.33 14.48 -4.22
CA ILE A 326 9.95 13.75 -5.32
C ILE A 326 9.95 12.27 -4.99
N ASP A 327 9.70 11.44 -6.00
CA ASP A 327 9.87 10.00 -5.88
C ASP A 327 10.37 9.48 -7.21
N MET A 328 10.69 8.20 -7.26
CA MET A 328 11.19 7.58 -8.47
C MET A 328 10.25 6.51 -8.98
N ALA A 329 9.89 6.58 -10.26
CA ALA A 329 9.07 5.58 -10.92
C ALA A 329 9.70 5.24 -12.26
N SER A 330 9.56 3.98 -12.67
CA SER A 330 10.23 3.47 -13.87
C SER A 330 9.21 2.95 -14.87
N ALA A 331 9.44 3.25 -16.14
CA ALA A 331 8.69 2.69 -17.25
C ALA A 331 9.66 2.28 -18.34
N ALA A 332 9.26 1.29 -19.14
CA ALA A 332 10.09 0.73 -20.18
C ALA A 332 9.51 1.04 -21.55
N PHE A 333 10.31 1.66 -22.41
CA PHE A 333 9.91 1.97 -23.78
C PHE A 333 10.88 1.34 -24.76
N ILE A 334 10.45 1.28 -26.02
CA ILE A 334 11.22 0.61 -27.06
C ILE A 334 12.49 1.38 -27.37
N GLU A 335 13.56 0.64 -27.68
CA GLU A 335 14.82 1.26 -28.04
C GLU A 335 14.71 2.00 -29.36
N PRO A 336 15.43 3.12 -29.52
CA PRO A 336 15.51 3.81 -30.82
C PRO A 336 16.59 3.20 -31.71
N LEU A 337 16.28 2.05 -32.29
CA LEU A 337 17.21 1.26 -33.07
C LEU A 337 16.59 0.94 -34.41
N PRO A 338 17.42 0.61 -35.42
CA PRO A 338 16.88 0.22 -36.72
C PRO A 338 15.99 -1.01 -36.63
N VAL A 339 15.02 -1.08 -37.53
CA VAL A 339 14.04 -2.17 -37.51
C VAL A 339 14.73 -3.52 -37.68
N ILE A 340 15.84 -3.55 -38.41
CA ILE A 340 16.58 -4.82 -38.58
C ILE A 340 17.05 -5.33 -37.23
N GLU A 341 17.71 -4.47 -36.45
CA GLU A 341 18.18 -4.88 -35.13
C GLU A 341 17.02 -5.17 -34.19
N PHE A 342 15.93 -4.40 -34.31
CA PHE A 342 14.76 -4.63 -33.47
C PHE A 342 14.19 -6.03 -33.73
N VAL A 343 14.06 -6.41 -34.99
CA VAL A 343 13.53 -7.72 -35.33
C VAL A 343 14.51 -8.81 -34.90
N ALA A 344 15.81 -8.58 -35.09
CA ALA A 344 16.81 -9.56 -34.68
C ALA A 344 16.75 -9.82 -33.18
N GLN A 345 16.58 -8.77 -32.38
CA GLN A 345 16.48 -8.95 -30.94
C GLN A 345 15.13 -9.53 -30.53
N LEU A 346 14.06 -9.20 -31.25
CA LEU A 346 12.74 -9.71 -30.91
C LEU A 346 12.64 -11.21 -31.17
N LEU A 347 13.07 -11.65 -32.36
CA LEU A 347 12.98 -13.06 -32.71
C LEU A 347 14.13 -13.89 -32.16
N GLY A 348 15.28 -13.26 -31.88
CA GLY A 348 16.42 -13.99 -31.37
C GLY A 348 16.98 -15.02 -32.33
N LYS A 349 16.95 -14.71 -33.63
CA LYS A 349 17.43 -15.63 -34.65
C LYS A 349 17.80 -14.82 -35.89
N ASP A 350 18.54 -15.46 -36.78
CA ASP A 350 18.92 -14.83 -38.03
C ASP A 350 17.68 -14.45 -38.84
N VAL A 351 17.69 -13.25 -39.40
CA VAL A 351 16.56 -12.76 -40.16
C VAL A 351 16.93 -12.33 -41.59
N LEU A 352 18.18 -11.98 -41.85
CA LEU A 352 18.55 -11.56 -43.20
C LEU A 352 18.45 -12.71 -44.20
N SER A 353 19.06 -13.84 -43.87
CA SER A 353 19.06 -15.00 -44.75
C SER A 353 17.98 -16.02 -44.41
N LYS A 354 17.27 -15.85 -43.30
CA LYS A 354 16.23 -16.79 -42.90
C LYS A 354 14.87 -16.12 -43.02
N PRO A 355 14.02 -16.56 -43.95
CA PRO A 355 12.67 -15.98 -44.04
C PRO A 355 11.89 -16.21 -42.76
N LEU A 356 11.07 -15.23 -42.41
CA LEU A 356 10.30 -15.26 -41.17
C LEU A 356 8.98 -15.98 -41.39
N SER A 357 8.54 -16.72 -40.37
CA SER A 357 7.30 -17.47 -40.46
C SER A 357 6.10 -16.52 -40.38
N ASP A 358 4.92 -17.05 -40.74
CA ASP A 358 3.70 -16.26 -40.71
C ASP A 358 3.38 -15.80 -39.29
N SER A 359 3.53 -16.69 -38.30
CA SER A 359 3.28 -16.31 -36.92
C SER A 359 4.27 -15.27 -36.45
N ASP A 360 5.55 -15.43 -36.81
CA ASP A 360 6.55 -14.43 -36.45
C ASP A 360 6.25 -13.09 -37.12
N ARG A 361 5.84 -13.12 -38.39
CA ARG A 361 5.50 -11.89 -39.09
C ARG A 361 4.31 -11.20 -38.43
N VAL A 362 3.30 -11.97 -38.04
CA VAL A 362 2.13 -11.39 -37.36
C VAL A 362 2.55 -10.79 -36.02
N LYS A 363 3.42 -11.48 -35.28
CA LYS A 363 3.89 -10.95 -34.00
C LYS A 363 4.66 -9.64 -34.20
N ILE A 364 5.52 -9.58 -35.21
CA ILE A 364 6.27 -8.37 -35.48
C ILE A 364 5.34 -7.24 -35.88
N LYS A 365 4.34 -7.54 -36.71
CA LYS A 365 3.37 -6.52 -37.11
C LYS A 365 2.61 -6.00 -35.90
N LYS A 366 2.19 -6.88 -35.00
CA LYS A 366 1.48 -6.46 -33.81
C LYS A 366 2.37 -5.62 -32.90
N GLY A 367 3.64 -6.00 -32.77
CA GLY A 367 4.56 -5.20 -31.97
C GLY A 367 4.82 -3.83 -32.57
N LEU A 368 4.86 -3.75 -33.89
CA LEU A 368 5.12 -2.48 -34.57
C LEU A 368 3.86 -1.67 -34.82
N ARG A 369 2.69 -2.21 -34.49
CA ARG A 369 1.44 -1.47 -34.69
C ARG A 369 1.42 -0.21 -33.84
N GLY A 370 1.22 0.93 -34.48
CA GLY A 370 1.21 2.21 -33.80
C GLY A 370 2.57 2.81 -33.56
N VAL A 371 3.65 2.12 -33.93
CA VAL A 371 4.99 2.62 -33.71
C VAL A 371 5.34 3.60 -34.83
N LYS A 372 5.70 4.83 -34.45
CA LYS A 372 6.09 5.82 -35.43
C LYS A 372 7.39 5.41 -36.10
N VAL A 373 7.46 5.62 -37.41
CA VAL A 373 8.62 5.23 -38.21
C VAL A 373 9.05 6.41 -39.07
N GLU A 374 10.36 6.59 -39.21
CA GLU A 374 10.93 7.64 -40.04
C GLU A 374 11.62 7.01 -41.23
N VAL A 375 11.37 7.54 -42.42
CA VAL A 375 11.96 6.98 -43.64
C VAL A 375 13.46 7.26 -43.65
N THR A 376 14.24 6.23 -43.98
CA THR A 376 15.69 6.33 -44.04
C THR A 376 16.24 6.29 -45.47
N HIS A 377 15.39 6.07 -46.47
CA HIS A 377 15.86 6.02 -47.86
C HIS A 377 16.23 7.38 -48.40
N ARG A 378 15.85 8.47 -47.72
CA ARG A 378 16.21 9.82 -48.11
C ARG A 378 17.25 10.35 -47.14
N ALA A 379 18.34 10.91 -47.68
CA ALA A 379 19.41 11.41 -46.83
C ALA A 379 18.96 12.60 -45.99
N ASN A 380 18.15 13.49 -46.57
CA ASN A 380 17.74 14.71 -45.89
C ASN A 380 16.30 14.67 -45.41
N VAL A 381 15.36 14.27 -46.26
CA VAL A 381 13.94 14.32 -45.92
C VAL A 381 13.60 12.99 -45.24
N ARG A 382 13.86 12.95 -43.94
CA ARG A 382 13.52 11.80 -43.11
C ARG A 382 12.21 12.04 -42.37
N ARG A 383 11.14 12.18 -43.16
CA ARG A 383 9.82 12.46 -42.60
C ARG A 383 9.31 11.25 -41.82
N LYS A 384 8.61 11.52 -40.71
CA LYS A 384 8.05 10.47 -39.88
C LYS A 384 6.60 10.21 -40.24
N TYR A 385 6.23 8.93 -40.28
CA TYR A 385 4.87 8.52 -40.60
C TYR A 385 4.41 7.48 -39.59
N ARG A 386 3.10 7.41 -39.39
CA ARG A 386 2.51 6.34 -38.60
C ARG A 386 2.31 5.11 -39.46
N VAL A 387 2.43 3.94 -38.83
CA VAL A 387 2.36 2.68 -39.57
C VAL A 387 0.90 2.43 -39.94
N ALA A 388 0.60 2.47 -41.24
CA ALA A 388 -0.74 2.15 -41.71
C ALA A 388 -0.99 0.64 -41.68
N GLY A 389 0.06 -0.16 -41.83
CA GLY A 389 -0.08 -1.60 -41.81
C GLY A 389 1.15 -2.26 -42.38
N LEU A 390 1.07 -3.59 -42.46
CA LEU A 390 2.13 -4.41 -43.03
C LEU A 390 1.56 -5.20 -44.21
N THR A 391 2.24 -5.12 -45.35
CA THR A 391 1.77 -5.82 -46.54
C THR A 391 1.92 -7.33 -46.36
N THR A 392 0.98 -8.07 -46.95
CA THR A 392 1.03 -9.53 -46.84
C THR A 392 2.27 -10.10 -47.53
N GLN A 393 2.61 -9.57 -48.70
CA GLN A 393 3.78 -10.04 -49.43
C GLN A 393 5.01 -9.19 -49.11
N HIS A 425 17.47 -8.10 -49.31
CA HIS A 425 16.62 -9.26 -49.08
C HIS A 425 15.16 -8.92 -49.38
N THR A 426 14.64 -9.52 -50.45
CA THR A 426 13.27 -9.23 -50.89
C THR A 426 12.21 -9.99 -50.11
N HIS A 427 12.60 -10.97 -49.29
CA HIS A 427 11.62 -11.72 -48.51
C HIS A 427 10.96 -10.89 -47.42
N LEU A 428 11.54 -9.76 -47.05
CA LEU A 428 10.94 -8.90 -46.04
C LEU A 428 9.71 -8.21 -46.60
N PRO A 429 8.54 -8.34 -45.96
CA PRO A 429 7.34 -7.70 -46.50
C PRO A 429 7.43 -6.19 -46.46
N CYS A 430 6.76 -5.56 -47.42
CA CYS A 430 6.73 -4.10 -47.49
C CYS A 430 5.90 -3.52 -46.36
N LEU A 431 6.18 -2.25 -46.03
CA LEU A 431 5.49 -1.55 -44.95
C LEU A 431 4.51 -0.55 -45.54
N GLN A 432 3.26 -0.60 -45.06
CA GLN A 432 2.23 0.32 -45.52
C GLN A 432 2.20 1.54 -44.61
N VAL A 433 2.32 2.72 -45.21
CA VAL A 433 2.33 3.98 -44.49
C VAL A 433 1.30 4.91 -45.11
N GLY A 434 1.09 6.05 -44.46
CA GLY A 434 0.16 7.04 -44.97
C GLY A 434 -1.29 6.57 -44.87
N ASN A 435 -2.10 7.11 -45.78
CA ASN A 435 -3.52 6.77 -45.82
C ASN A 435 -3.70 5.33 -46.30
N GLN A 436 -4.80 4.72 -45.85
CA GLN A 436 -5.13 3.36 -46.29
C GLN A 436 -5.38 3.30 -47.79
N LYS A 437 -6.12 4.29 -48.31
CA LYS A 437 -6.37 4.33 -49.75
C LYS A 437 -5.07 4.55 -50.53
N LYS A 438 -4.21 5.44 -50.05
CA LYS A 438 -2.91 5.69 -50.68
C LYS A 438 -1.92 4.66 -50.17
N ALA A 439 -2.00 3.46 -50.76
CA ALA A 439 -1.15 2.35 -50.35
C ALA A 439 0.29 2.62 -50.77
N SER A 440 1.14 2.96 -49.82
CA SER A 440 2.54 3.21 -50.06
C SER A 440 3.37 2.09 -49.43
N TYR A 441 4.24 1.48 -50.23
CA TYR A 441 5.03 0.34 -49.80
C TYR A 441 6.48 0.77 -49.60
N LEU A 442 7.06 0.41 -48.46
CA LEU A 442 8.42 0.73 -48.12
C LEU A 442 9.15 -0.50 -47.62
N PRO A 443 10.46 -0.60 -47.84
CA PRO A 443 11.21 -1.74 -47.32
C PRO A 443 11.27 -1.75 -45.81
N MET A 444 11.41 -2.94 -45.24
CA MET A 444 11.51 -3.06 -43.79
C MET A 444 12.73 -2.35 -43.24
N GLU A 445 13.78 -2.24 -44.05
CA GLU A 445 15.01 -1.57 -43.62
C GLU A 445 14.96 -0.05 -43.80
N ALA A 446 13.86 0.49 -44.31
CA ALA A 446 13.73 1.91 -44.57
C ALA A 446 12.91 2.62 -43.49
N CYS A 447 13.03 2.18 -42.24
CA CYS A 447 12.28 2.79 -41.14
C CYS A 447 13.12 2.70 -39.87
N LYS A 448 12.75 3.50 -38.88
CA LYS A 448 13.44 3.52 -37.60
C LYS A 448 12.48 3.92 -36.50
N ILE A 449 12.86 3.57 -35.26
CA ILE A 449 12.03 3.87 -34.11
C ILE A 449 12.10 5.36 -33.80
N VAL A 450 10.96 5.93 -33.39
CA VAL A 450 10.86 7.36 -33.13
C VAL A 450 10.57 7.56 -31.65
N GLU A 451 11.11 6.67 -30.81
CA GLU A 451 11.08 6.81 -29.35
C GLU A 451 9.64 6.88 -28.83
N GLY A 452 8.95 5.74 -28.96
CA GLY A 452 7.55 5.60 -28.61
C GLY A 452 7.09 6.32 -27.36
N GLN A 453 5.89 6.90 -27.42
CA GLN A 453 5.42 7.88 -26.45
C GLN A 453 4.67 7.26 -25.27
N ARG A 454 3.60 6.51 -25.54
CA ARG A 454 2.67 6.15 -24.47
C ARG A 454 3.06 4.85 -23.77
N TYR A 455 3.09 3.74 -24.49
CA TYR A 455 3.35 2.46 -23.85
C TYR A 455 3.69 1.43 -24.92
N THR A 456 4.53 0.47 -24.54
CA THR A 456 4.91 -0.63 -25.41
C THR A 456 4.01 -1.84 -25.11
N LYS A 457 4.35 -2.99 -25.71
CA LYS A 457 3.55 -4.18 -25.47
C LYS A 457 3.64 -4.59 -24.01
N ARG A 458 2.59 -5.27 -23.54
CA ARG A 458 2.50 -5.64 -22.13
C ARG A 458 3.71 -6.49 -21.72
N LEU A 459 4.25 -6.17 -20.55
CA LEU A 459 5.45 -6.83 -20.06
C LEU A 459 5.19 -8.31 -19.79
N ASN A 460 6.19 -9.14 -20.06
CA ASN A 460 6.09 -10.57 -19.84
C ASN A 460 6.77 -10.92 -18.52
N GLU A 461 6.81 -12.22 -18.21
CA GLU A 461 7.40 -12.67 -16.96
C GLU A 461 8.89 -12.37 -16.91
N LYS A 462 9.59 -12.56 -18.03
CA LYS A 462 11.03 -12.32 -18.06
C LYS A 462 11.37 -10.84 -18.03
N GLN A 463 10.44 -9.98 -18.44
CA GLN A 463 10.67 -8.54 -18.41
C GLN A 463 10.29 -7.90 -17.07
N ILE A 464 9.21 -8.36 -16.45
CA ILE A 464 8.80 -7.76 -15.19
C ILE A 464 9.83 -8.04 -14.10
N THR A 465 10.45 -9.23 -14.13
CA THR A 465 11.46 -9.54 -13.12
C THR A 465 12.68 -8.64 -13.27
N ALA A 466 13.12 -8.39 -14.50
CA ALA A 466 14.26 -7.49 -14.70
C ALA A 466 13.91 -6.06 -14.29
N LEU A 467 12.70 -5.60 -14.64
CA LEU A 467 12.30 -4.26 -14.25
C LEU A 467 12.23 -4.13 -12.73
N LEU A 468 11.71 -5.15 -12.05
CA LEU A 468 11.71 -5.15 -10.60
C LEU A 468 13.12 -5.14 -10.05
N LYS A 469 14.02 -5.91 -10.65
CA LYS A 469 15.42 -5.91 -10.24
C LYS A 469 16.06 -4.54 -10.38
N VAL A 470 15.62 -3.74 -11.36
CA VAL A 470 16.18 -2.42 -11.57
C VAL A 470 15.38 -1.33 -10.87
N THR A 471 14.06 -1.47 -10.74
CA THR A 471 13.24 -0.36 -10.25
C THR A 471 13.55 -0.03 -8.80
N CYS A 472 13.66 -1.03 -7.93
CA CYS A 472 13.91 -0.82 -6.51
C CYS A 472 15.33 -1.22 -6.18
N GLN A 473 16.11 -0.26 -5.68
CA GLN A 473 17.50 -0.49 -5.31
C GLN A 473 17.67 -0.28 -3.81
N ARG A 474 18.92 -0.29 -3.36
CA ARG A 474 19.21 0.02 -1.98
C ARG A 474 18.82 1.46 -1.67
N PRO A 475 18.53 1.76 -0.41
CA PRO A 475 18.11 3.14 -0.06
C PRO A 475 19.16 4.18 -0.43
N ARG A 476 20.44 3.82 -0.42
CA ARG A 476 21.46 4.75 -0.89
C ARG A 476 21.23 5.14 -2.34
N ASP A 477 20.95 4.15 -3.19
CA ASP A 477 20.69 4.44 -4.60
C ASP A 477 19.39 5.22 -4.77
N ARG A 478 18.38 4.91 -3.96
CA ARG A 478 17.15 5.68 -4.03
C ARG A 478 17.40 7.14 -3.69
N GLU A 479 18.17 7.39 -2.63
CA GLU A 479 18.50 8.76 -2.25
C GLU A 479 19.31 9.44 -3.34
N ASN A 480 20.25 8.72 -3.94
CA ASN A 480 21.07 9.32 -4.99
C ASN A 480 20.22 9.72 -6.19
N ASP A 481 19.28 8.86 -6.59
CA ASP A 481 18.45 9.19 -7.74
C ASP A 481 17.46 10.31 -7.42
N ILE A 482 16.93 10.34 -6.20
CA ILE A 482 16.06 11.45 -5.82
C ILE A 482 16.82 12.76 -5.85
N LEU A 483 18.06 12.75 -5.33
CA LEU A 483 18.87 13.96 -5.38
C LEU A 483 19.18 14.35 -6.83
N ARG A 484 19.45 13.36 -7.68
CA ARG A 484 19.87 13.67 -9.04
C ARG A 484 18.72 14.22 -9.88
N THR A 485 17.49 13.74 -9.65
CA THR A 485 16.39 14.16 -10.51
C THR A 485 16.02 15.63 -10.33
N VAL A 486 16.53 16.30 -9.30
CA VAL A 486 16.27 17.72 -9.16
C VAL A 486 17.48 18.52 -9.62
N GLN A 487 18.68 17.97 -9.40
CA GLN A 487 19.88 18.62 -9.93
C GLN A 487 19.84 18.66 -11.45
N HIS A 488 19.46 17.54 -12.08
CA HIS A 488 19.31 17.51 -13.52
C HIS A 488 18.19 18.43 -13.99
N ASN A 489 17.05 18.39 -13.29
CA ASN A 489 15.91 19.20 -13.72
C ASN A 489 16.21 20.68 -13.55
N ALA A 490 16.95 21.05 -12.51
CA ALA A 490 17.52 22.38 -12.34
C ALA A 490 16.42 23.46 -12.35
N TYR A 491 15.59 23.40 -11.31
CA TYR A 491 14.57 24.43 -11.15
C TYR A 491 15.19 25.80 -10.91
N ASP A 492 16.44 25.82 -10.41
CA ASP A 492 17.08 27.09 -10.09
C ASP A 492 17.32 27.93 -11.34
N GLN A 493 17.94 27.35 -12.36
CA GLN A 493 18.23 28.05 -13.61
C GLN A 493 17.12 27.73 -14.61
N ASP A 494 16.15 28.64 -14.72
CA ASP A 494 15.02 28.45 -15.61
C ASP A 494 14.34 29.77 -15.83
N PRO A 495 13.82 30.04 -17.04
CA PRO A 495 13.08 31.30 -17.25
C PRO A 495 11.90 31.48 -16.30
N TYR A 496 11.19 30.39 -15.99
CA TYR A 496 10.04 30.49 -15.09
C TYR A 496 10.49 30.90 -13.69
N ALA A 497 11.54 30.26 -13.18
CA ALA A 497 12.08 30.63 -11.87
C ALA A 497 12.58 32.06 -11.87
N LYS A 498 13.23 32.48 -12.96
CA LYS A 498 13.73 33.85 -13.04
C LYS A 498 12.58 34.85 -13.01
N GLU A 499 11.50 34.57 -13.73
CA GLU A 499 10.38 35.50 -13.79
C GLU A 499 9.47 35.42 -12.57
N PHE A 500 9.61 34.39 -11.74
CA PHE A 500 8.88 34.33 -10.48
C PHE A 500 9.76 34.50 -9.24
N GLY A 501 10.96 33.92 -9.23
CA GLY A 501 11.80 33.95 -8.07
C GLY A 501 11.69 32.75 -7.16
N MET A 502 10.92 31.73 -7.56
CA MET A 502 10.78 30.52 -6.76
C MET A 502 12.12 29.81 -6.63
N ASN A 503 12.39 29.30 -5.43
CA ASN A 503 13.68 28.70 -5.10
C ASN A 503 13.45 27.34 -4.47
N ILE A 504 14.12 26.32 -5.01
CA ILE A 504 14.14 24.99 -4.41
C ILE A 504 15.58 24.56 -4.24
N SER A 505 15.96 24.26 -3.00
CA SER A 505 17.31 23.76 -2.74
C SER A 505 17.49 22.39 -3.37
N GLU A 506 18.65 22.19 -3.98
CA GLU A 506 18.96 20.94 -4.66
C GLU A 506 19.44 19.86 -3.70
N LYS A 507 19.22 20.01 -2.40
CA LYS A 507 19.64 19.05 -1.40
C LYS A 507 18.43 18.57 -0.61
N LEU A 508 18.42 17.28 -0.28
CA LEU A 508 17.32 16.71 0.48
C LEU A 508 17.26 17.33 1.87
N ALA A 509 16.06 17.35 2.44
CA ALA A 509 15.87 17.91 3.77
C ALA A 509 16.59 17.06 4.80
N SER A 510 17.27 17.72 5.73
CA SER A 510 17.93 17.05 6.84
C SER A 510 17.12 17.32 8.11
N VAL A 511 16.67 16.26 8.76
CA VAL A 511 15.82 16.38 9.95
C VAL A 511 16.37 15.48 11.05
N GLU A 512 16.31 15.97 12.27
CA GLU A 512 16.64 15.16 13.44
C GLU A 512 15.45 14.29 13.82
N ALA A 513 15.74 13.05 14.20
CA ALA A 513 14.68 12.09 14.46
C ALA A 513 15.17 11.08 15.48
N ARG A 514 14.58 11.10 16.66
CA ARG A 514 14.98 10.20 17.72
C ARG A 514 14.65 8.76 17.35
N ILE A 515 15.46 7.83 17.86
CA ILE A 515 15.24 6.40 17.66
C ILE A 515 14.75 5.83 18.98
N LEU A 516 13.51 5.35 18.99
CA LEU A 516 12.91 4.83 20.21
C LEU A 516 13.53 3.49 20.58
N PRO A 517 13.64 3.20 21.88
CA PRO A 517 14.25 1.93 22.29
C PRO A 517 13.25 0.78 22.22
N ALA A 518 13.77 -0.38 21.87
CA ALA A 518 12.93 -1.57 21.76
C ALA A 518 12.47 -2.01 23.15
N PRO A 519 11.27 -2.57 23.27
CA PRO A 519 10.75 -2.92 24.58
C PRO A 519 11.27 -4.27 25.05
N TRP A 520 10.94 -4.59 26.30
CA TRP A 520 11.33 -5.85 26.92
C TRP A 520 10.17 -6.84 26.85
N LEU A 521 10.48 -8.09 26.52
CA LEU A 521 9.48 -9.15 26.39
C LEU A 521 9.69 -10.20 27.46
N LYS A 522 8.61 -10.60 28.13
CA LYS A 522 8.66 -11.59 29.19
C LYS A 522 8.13 -12.91 28.67
N TYR A 523 8.87 -13.98 28.91
CA TYR A 523 8.49 -15.32 28.49
C TYR A 523 8.35 -16.22 29.71
N HIS A 524 7.80 -17.41 29.48
CA HIS A 524 7.48 -18.31 30.59
C HIS A 524 8.75 -18.78 31.28
N GLU A 525 8.67 -18.87 32.62
CA GLU A 525 9.86 -19.17 33.42
C GLU A 525 10.39 -20.57 33.20
N ASN A 526 9.58 -21.49 32.66
CA ASN A 526 10.05 -22.85 32.44
C ASN A 526 11.17 -22.89 31.42
N GLY A 527 11.16 -21.98 30.45
CA GLY A 527 12.19 -21.97 29.43
C GLY A 527 13.51 -21.48 29.97
N LYS A 528 14.56 -21.69 29.16
CA LYS A 528 15.89 -21.26 29.56
C LYS A 528 15.97 -19.75 29.71
N GLU A 529 15.37 -19.01 28.78
CA GLU A 529 15.38 -17.56 28.79
C GLU A 529 13.99 -17.04 29.09
N LYS A 530 13.88 -16.14 30.07
CA LYS A 530 12.61 -15.57 30.45
C LYS A 530 12.39 -14.16 29.91
N ASP A 531 13.46 -13.46 29.55
CA ASP A 531 13.38 -12.10 29.02
C ASP A 531 14.25 -12.02 27.78
N CYS A 532 13.64 -11.72 26.65
CA CYS A 532 14.37 -11.58 25.40
C CYS A 532 14.08 -10.21 24.80
N LEU A 533 15.13 -9.45 24.52
CA LEU A 533 14.79 -8.18 23.90
C LEU A 533 15.08 -8.23 22.40
N PRO A 534 14.24 -7.61 21.59
CA PRO A 534 14.48 -7.62 20.14
C PRO A 534 15.69 -6.79 19.79
N GLN A 535 16.56 -7.34 18.95
CA GLN A 535 17.81 -6.65 18.63
C GLN A 535 17.60 -5.59 17.54
N VAL A 536 17.19 -6.02 16.36
CA VAL A 536 17.02 -5.11 15.23
C VAL A 536 15.55 -5.19 14.83
N GLY A 537 14.69 -5.42 15.81
CA GLY A 537 13.28 -5.59 15.54
C GLY A 537 12.88 -7.00 15.16
N GLN A 538 13.74 -7.98 15.38
CA GLN A 538 13.40 -9.36 15.10
C GLN A 538 14.14 -10.28 16.07
N TRP A 539 13.54 -11.45 16.32
CA TRP A 539 14.10 -12.42 17.25
C TRP A 539 13.46 -13.77 16.95
N ASN A 540 14.04 -14.81 17.54
CA ASN A 540 13.51 -16.17 17.40
C ASN A 540 13.50 -16.85 18.75
N MET A 541 12.62 -17.84 18.89
CA MET A 541 12.40 -18.49 20.19
C MET A 541 13.36 -19.66 20.42
N MET A 542 14.66 -19.41 20.30
CA MET A 542 15.63 -20.35 20.84
C MET A 542 15.46 -20.45 22.35
N ASN A 543 15.42 -21.69 22.83
CA ASN A 543 15.30 -22.01 24.26
C ASN A 543 14.34 -21.08 24.99
N LYS A 544 13.22 -20.75 24.36
CA LYS A 544 12.21 -19.90 24.96
C LYS A 544 10.87 -20.62 24.91
N LYS A 545 9.97 -20.24 25.80
CA LYS A 545 8.66 -20.86 25.89
C LYS A 545 7.58 -19.78 25.91
N MET A 546 6.43 -20.11 25.31
CA MET A 546 5.33 -19.18 25.26
C MET A 546 4.73 -18.96 26.65
N ILE A 547 4.12 -17.79 26.83
CA ILE A 547 3.55 -17.43 28.14
C ILE A 547 2.46 -18.40 28.53
N ASN A 548 1.55 -18.70 27.62
CA ASN A 548 0.43 -19.58 27.92
C ASN A 548 0.34 -20.67 26.86
N GLY A 549 0.32 -21.91 27.30
CA GLY A 549 0.11 -23.03 26.43
C GLY A 549 -1.27 -23.62 26.66
N MET A 550 -2.10 -23.61 25.61
CA MET A 550 -3.49 -23.96 25.78
C MET A 550 -3.74 -25.46 25.81
N THR A 551 -2.72 -26.28 25.62
CA THR A 551 -2.79 -27.73 25.88
C THR A 551 -3.90 -28.37 25.06
N VAL A 552 -3.72 -28.33 23.74
CA VAL A 552 -4.62 -29.06 22.86
C VAL A 552 -4.45 -30.55 23.07
N SER A 553 -5.57 -31.25 23.23
CA SER A 553 -5.54 -32.68 23.48
C SER A 553 -6.41 -33.49 22.52
N ARG A 554 -7.23 -32.85 21.70
CA ARG A 554 -8.05 -33.54 20.71
C ARG A 554 -7.88 -32.85 19.36
N TRP A 555 -7.63 -33.64 18.33
CA TRP A 555 -7.52 -33.07 16.99
C TRP A 555 -7.64 -34.17 15.96
N ALA A 556 -7.76 -33.76 14.69
CA ALA A 556 -7.78 -34.69 13.57
C ALA A 556 -7.13 -34.00 12.38
N CYS A 557 -6.61 -34.80 11.45
CA CYS A 557 -5.90 -34.30 10.29
C CYS A 557 -6.56 -34.84 9.03
N VAL A 558 -7.13 -33.95 8.23
CA VAL A 558 -7.77 -34.35 6.99
C VAL A 558 -6.83 -34.05 5.84
N ASN A 559 -6.74 -34.98 4.90
CA ASN A 559 -5.73 -34.92 3.83
C ASN A 559 -6.43 -34.71 2.49
N PHE A 560 -6.38 -33.48 1.97
CA PHE A 560 -6.99 -33.16 0.69
C PHE A 560 -5.95 -33.23 -0.42
N SER A 561 -5.44 -34.44 -0.66
CA SER A 561 -4.46 -34.58 -1.73
C SER A 561 -4.37 -36.04 -2.14
N ARG A 562 -3.72 -36.27 -3.28
CA ARG A 562 -3.37 -37.60 -3.73
C ARG A 562 -1.88 -37.89 -3.65
N SER A 563 -1.04 -36.86 -3.62
CA SER A 563 0.40 -37.07 -3.54
C SER A 563 0.82 -37.49 -2.13
N VAL A 564 0.57 -36.63 -1.15
CA VAL A 564 0.90 -36.98 0.24
C VAL A 564 -0.01 -38.10 0.71
N GLN A 565 0.57 -39.07 1.42
CA GLN A 565 -0.14 -40.27 1.82
C GLN A 565 -0.19 -40.37 3.34
N GLU A 566 -0.66 -41.51 3.83
CA GLU A 566 -0.90 -41.68 5.26
C GLU A 566 0.39 -41.52 6.06
N ASN A 567 1.46 -42.18 5.62
CA ASN A 567 2.70 -42.16 6.39
C ASN A 567 3.28 -40.76 6.47
N VAL A 568 3.32 -40.06 5.33
CA VAL A 568 3.88 -38.71 5.31
C VAL A 568 3.04 -37.77 6.14
N ALA A 569 1.71 -37.85 6.03
CA ALA A 569 0.85 -36.97 6.81
C ALA A 569 1.02 -37.23 8.31
N ARG A 570 1.08 -38.50 8.71
CA ARG A 570 1.27 -38.81 10.12
C ARG A 570 2.62 -38.33 10.62
N GLY A 571 3.66 -38.47 9.80
CA GLY A 571 4.96 -37.95 10.19
C GLY A 571 4.96 -36.44 10.35
N PHE A 572 4.30 -35.74 9.43
CA PHE A 572 4.22 -34.28 9.54
C PHE A 572 3.47 -33.88 10.81
N CYS A 573 2.37 -34.55 11.10
CA CYS A 573 1.62 -34.22 12.31
C CYS A 573 2.44 -34.50 13.56
N ASN A 574 3.16 -35.62 13.59
CA ASN A 574 4.00 -35.92 14.74
C ASN A 574 5.11 -34.89 14.91
N GLU A 575 5.72 -34.47 13.82
CA GLU A 575 6.80 -33.50 13.92
C GLU A 575 6.26 -32.15 14.38
N LEU A 576 5.08 -31.76 13.91
CA LEU A 576 4.46 -30.53 14.39
C LEU A 576 4.16 -30.63 15.88
N GLY A 577 3.67 -31.79 16.32
CA GLY A 577 3.43 -31.97 17.75
C GLY A 577 4.69 -31.83 18.58
N GLN A 578 5.79 -32.42 18.10
CA GLN A 578 7.04 -32.31 18.84
C GLN A 578 7.54 -30.87 18.88
N MET A 579 7.45 -30.17 17.75
CA MET A 579 7.84 -28.76 17.72
C MET A 579 6.98 -27.94 18.66
N CYS A 580 5.69 -28.24 18.73
CA CYS A 580 4.80 -27.51 19.62
C CYS A 580 5.15 -27.77 21.08
N GLU A 581 5.44 -29.03 21.43
CA GLU A 581 5.81 -29.35 22.80
C GLU A 581 7.11 -28.66 23.19
N VAL A 582 8.10 -28.64 22.31
CA VAL A 582 9.36 -27.98 22.65
C VAL A 582 9.21 -26.46 22.60
N SER A 583 8.22 -25.95 21.90
CA SER A 583 8.00 -24.51 21.82
C SER A 583 7.02 -24.00 22.88
N GLY A 584 6.44 -24.87 23.69
CA GLY A 584 5.76 -24.34 24.86
C GLY A 584 4.49 -24.97 25.37
N MET A 585 3.65 -25.55 24.51
CA MET A 585 2.43 -26.17 24.98
C MET A 585 2.42 -27.66 24.66
N GLU A 586 1.75 -28.42 25.51
CA GLU A 586 1.66 -29.86 25.30
C GLU A 586 0.76 -30.17 24.11
N PHE A 587 1.15 -31.18 23.35
CA PHE A 587 0.41 -31.64 22.19
C PHE A 587 0.08 -33.12 22.38
N ASN A 588 -1.14 -33.50 22.07
CA ASN A 588 -1.50 -34.91 22.14
C ASN A 588 -0.81 -35.64 21.01
N PRO A 589 0.06 -36.61 21.29
CA PRO A 589 0.84 -37.24 20.22
C PRO A 589 0.01 -38.02 19.21
N GLU A 590 -1.21 -38.42 19.56
CA GLU A 590 -2.01 -39.22 18.64
C GLU A 590 -3.38 -38.58 18.42
N PRO A 591 -3.86 -38.54 17.18
CA PRO A 591 -5.12 -37.87 16.90
C PRO A 591 -6.32 -38.67 17.41
N VAL A 592 -7.46 -37.98 17.45
CA VAL A 592 -8.70 -38.64 17.89
C VAL A 592 -9.09 -39.74 16.92
N ILE A 593 -9.00 -39.47 15.63
CA ILE A 593 -9.32 -40.46 14.60
C ILE A 593 -8.15 -40.56 13.64
N PRO A 594 -8.02 -41.68 12.94
CA PRO A 594 -6.97 -41.78 11.93
C PRO A 594 -7.18 -40.74 10.85
N ILE A 595 -6.07 -40.33 10.22
CA ILE A 595 -6.11 -39.25 9.25
C ILE A 595 -7.00 -39.64 8.07
N TYR A 596 -8.14 -38.95 7.93
CA TYR A 596 -9.16 -39.33 6.96
C TYR A 596 -8.81 -38.69 5.63
N SER A 597 -8.21 -39.46 4.73
CA SER A 597 -7.94 -38.97 3.40
C SER A 597 -9.25 -38.75 2.65
N ALA A 598 -9.24 -37.76 1.76
CA ALA A 598 -10.44 -37.39 1.03
C ALA A 598 -10.04 -36.84 -0.33
N ARG A 599 -10.99 -36.22 -1.01
CA ARG A 599 -10.77 -35.58 -2.30
C ARG A 599 -11.33 -34.17 -2.25
N PRO A 600 -10.76 -33.26 -3.05
CA PRO A 600 -11.15 -31.85 -2.94
C PRO A 600 -12.63 -31.59 -3.19
N ASP A 601 -13.27 -32.32 -4.11
CA ASP A 601 -14.63 -32.00 -4.48
C ASP A 601 -15.62 -32.25 -3.34
N GLN A 602 -15.43 -33.34 -2.59
CA GLN A 602 -16.32 -33.66 -1.49
C GLN A 602 -15.82 -33.08 -0.17
N VAL A 603 -15.50 -31.78 -0.18
CA VAL A 603 -14.94 -31.15 1.01
C VAL A 603 -15.98 -31.08 2.12
N GLU A 604 -17.22 -30.74 1.77
CA GLU A 604 -18.27 -30.65 2.79
C GLU A 604 -18.52 -32.01 3.42
N LYS A 605 -18.58 -33.06 2.59
CA LYS A 605 -18.77 -34.41 3.10
C LYS A 605 -17.61 -34.83 3.99
N ALA A 606 -16.38 -34.54 3.58
CA ALA A 606 -15.23 -34.94 4.39
C ALA A 606 -15.25 -34.25 5.75
N LEU A 607 -15.46 -32.94 5.76
CA LEU A 607 -15.49 -32.22 7.03
C LEU A 607 -16.64 -32.69 7.91
N LYS A 608 -17.82 -32.90 7.34
CA LYS A 608 -18.94 -33.37 8.11
C LYS A 608 -18.65 -34.73 8.72
N HIS A 609 -18.09 -35.64 7.92
CA HIS A 609 -17.80 -36.98 8.43
C HIS A 609 -16.77 -36.92 9.55
N VAL A 610 -15.71 -36.13 9.37
CA VAL A 610 -14.66 -36.08 10.39
C VAL A 610 -15.21 -35.50 11.69
N TYR A 611 -15.91 -34.36 11.59
CA TYR A 611 -16.45 -33.73 12.79
C TYR A 611 -17.44 -34.64 13.50
N HIS A 612 -18.34 -35.29 12.75
CA HIS A 612 -19.37 -36.10 13.38
C HIS A 612 -18.79 -37.40 13.94
N THR A 613 -17.81 -37.99 13.25
CA THR A 613 -17.17 -39.19 13.78
C THR A 613 -16.44 -38.89 15.08
N SER A 614 -15.69 -37.79 15.12
CA SER A 614 -14.96 -37.48 16.34
C SER A 614 -15.88 -36.96 17.44
N MET A 615 -17.05 -36.42 17.06
CA MET A 615 -18.08 -36.13 18.06
C MET A 615 -18.65 -37.41 18.64
N ASN A 616 -18.90 -38.41 17.79
CA ASN A 616 -19.39 -39.69 18.26
C ASN A 616 -18.40 -40.34 19.22
N LYS A 617 -17.12 -40.32 18.87
CA LYS A 617 -16.10 -40.80 19.79
C LYS A 617 -15.92 -39.78 20.92
N THR A 618 -15.36 -40.25 22.03
CA THR A 618 -15.08 -39.44 23.23
C THR A 618 -16.35 -38.91 23.87
N LYS A 619 -17.50 -39.53 23.58
CA LYS A 619 -18.76 -39.22 24.24
C LYS A 619 -19.11 -37.74 24.14
N GLY A 620 -18.90 -37.16 22.97
CA GLY A 620 -19.33 -35.79 22.72
C GLY A 620 -18.46 -34.72 23.32
N LYS A 621 -17.22 -34.63 22.87
CA LYS A 621 -16.32 -33.54 23.24
C LYS A 621 -15.87 -32.82 21.98
N GLU A 622 -16.01 -31.50 21.98
CA GLU A 622 -15.74 -30.70 20.79
C GLU A 622 -14.27 -30.79 20.38
N LEU A 623 -14.03 -30.63 19.08
CA LEU A 623 -12.69 -30.78 18.53
C LEU A 623 -11.91 -29.48 18.67
N GLU A 624 -10.71 -29.58 19.23
CA GLU A 624 -9.92 -28.38 19.47
C GLU A 624 -9.35 -27.82 18.17
N LEU A 625 -8.84 -28.67 17.29
CA LEU A 625 -8.23 -28.17 16.06
C LEU A 625 -8.21 -29.27 15.01
N LEU A 626 -8.17 -28.86 13.74
CA LEU A 626 -8.10 -29.77 12.60
C LEU A 626 -7.01 -29.30 11.66
N LEU A 627 -6.03 -30.16 11.39
CA LEU A 627 -4.93 -29.84 10.50
C LEU A 627 -5.31 -30.25 9.08
N ALA A 628 -5.88 -29.31 8.33
CA ALA A 628 -6.09 -29.56 6.92
C ALA A 628 -4.75 -29.58 6.20
N ILE A 629 -4.66 -30.42 5.17
CA ILE A 629 -3.49 -30.46 4.28
C ILE A 629 -4.04 -30.34 2.86
N LEU A 630 -4.13 -29.17 2.38
CA LEU A 630 -4.75 -28.91 1.10
C LEU A 630 -3.69 -28.79 0.00
N PRO A 631 -4.03 -29.07 -1.26
CA PRO A 631 -2.99 -29.12 -2.31
C PRO A 631 -2.44 -27.75 -2.64
N ASP A 632 -1.42 -27.71 -3.52
CA ASP A 632 -0.72 -26.46 -3.79
C ASP A 632 -1.66 -25.41 -4.35
N ASN A 633 -2.21 -25.66 -5.54
CA ASN A 633 -3.17 -24.75 -6.17
C ASN A 633 -4.56 -25.23 -5.80
N ASN A 634 -5.04 -24.81 -4.63
CA ASN A 634 -6.30 -25.32 -4.10
C ASN A 634 -7.46 -25.03 -5.03
N GLY A 635 -7.62 -23.77 -5.42
CA GLY A 635 -8.75 -23.40 -6.25
C GLY A 635 -10.07 -23.46 -5.51
N SER A 636 -10.26 -22.57 -4.55
CA SER A 636 -11.46 -22.41 -3.74
C SER A 636 -11.65 -23.53 -2.73
N LEU A 637 -10.79 -24.55 -2.73
CA LEU A 637 -10.85 -25.54 -1.65
C LEU A 637 -10.56 -24.90 -0.30
N TYR A 638 -9.56 -24.02 -0.25
CA TYR A 638 -9.27 -23.30 0.99
C TYR A 638 -10.47 -22.47 1.42
N GLY A 639 -11.10 -21.80 0.46
CA GLY A 639 -12.27 -20.99 0.80
C GLY A 639 -13.40 -21.84 1.35
N ASP A 640 -13.70 -22.96 0.69
CA ASP A 640 -14.78 -23.82 1.16
C ASP A 640 -14.46 -24.39 2.54
N LEU A 641 -13.21 -24.79 2.76
CA LEU A 641 -12.83 -25.37 4.05
C LEU A 641 -12.98 -24.36 5.18
N LYS A 642 -12.40 -23.17 5.01
CA LYS A 642 -12.45 -22.15 6.05
C LYS A 642 -13.79 -21.46 6.10
N ARG A 643 -14.68 -21.77 5.15
CA ARG A 643 -16.07 -21.34 5.26
C ARG A 643 -16.87 -22.31 6.10
N ILE A 644 -16.78 -23.60 5.79
CA ILE A 644 -17.52 -24.60 6.54
C ILE A 644 -17.10 -24.58 8.00
N CYS A 645 -15.78 -24.67 8.24
CA CYS A 645 -15.27 -24.92 9.59
C CYS A 645 -15.61 -23.81 10.57
N GLU A 646 -16.00 -22.64 10.09
CA GLU A 646 -16.32 -21.54 10.99
C GLU A 646 -17.76 -21.08 10.88
N THR A 647 -18.29 -20.92 9.67
CA THR A 647 -19.67 -20.48 9.56
C THR A 647 -20.65 -21.57 9.96
N GLU A 648 -20.38 -22.82 9.59
CA GLU A 648 -21.38 -23.87 9.77
C GLU A 648 -21.08 -24.81 10.93
N LEU A 649 -19.85 -25.30 11.02
CA LEU A 649 -19.54 -26.31 12.03
C LEU A 649 -19.20 -25.67 13.37
N GLY A 650 -18.26 -24.73 13.37
CA GLY A 650 -17.74 -24.18 14.59
C GLY A 650 -16.44 -24.81 15.05
N LEU A 651 -15.55 -25.14 14.13
CA LEU A 651 -14.33 -25.88 14.43
C LEU A 651 -13.12 -25.05 14.01
N ILE A 652 -12.20 -24.81 14.94
CA ILE A 652 -10.99 -24.06 14.61
C ILE A 652 -10.10 -24.93 13.74
N SER A 653 -9.77 -24.44 12.55
CA SER A 653 -9.00 -25.21 11.61
C SER A 653 -7.58 -24.65 11.50
N GLN A 654 -6.77 -25.33 10.69
CA GLN A 654 -5.41 -24.89 10.41
C GLN A 654 -4.95 -25.66 9.16
N CYS A 655 -4.43 -24.94 8.18
CA CYS A 655 -4.08 -25.54 6.91
C CYS A 655 -2.59 -25.43 6.64
N CYS A 656 -2.07 -26.39 5.86
CA CYS A 656 -0.69 -26.39 5.45
C CYS A 656 -0.61 -26.87 4.01
N LEU A 657 0.15 -26.17 3.18
CA LEU A 657 0.31 -26.58 1.80
C LEU A 657 1.08 -27.90 1.72
N THR A 658 1.05 -28.50 0.53
CA THR A 658 1.71 -29.79 0.34
C THR A 658 3.23 -29.70 0.33
N LYS A 659 3.80 -28.68 -0.30
CA LYS A 659 5.26 -28.59 -0.40
C LYS A 659 5.89 -28.43 0.97
N HIS A 660 5.25 -27.67 1.86
CA HIS A 660 5.76 -27.55 3.22
C HIS A 660 5.76 -28.89 3.92
N VAL A 661 4.70 -29.68 3.74
CA VAL A 661 4.65 -31.00 4.34
C VAL A 661 5.77 -31.88 3.81
N PHE A 662 6.02 -31.81 2.51
CA PHE A 662 7.07 -32.65 1.92
C PHE A 662 8.45 -32.25 2.42
N LYS A 663 8.72 -30.96 2.53
CA LYS A 663 10.03 -30.47 3.00
C LYS A 663 9.79 -29.58 4.21
N ILE A 664 9.74 -30.18 5.39
CA ILE A 664 9.49 -29.45 6.62
C ILE A 664 10.78 -28.80 7.11
N SER A 665 10.64 -27.65 7.74
CA SER A 665 11.76 -26.94 8.34
C SER A 665 11.38 -26.48 9.74
N LYS A 666 12.39 -26.38 10.60
CA LYS A 666 12.15 -26.00 11.99
C LYS A 666 11.47 -24.64 12.07
N GLN A 667 11.93 -23.68 11.27
CA GLN A 667 11.33 -22.35 11.31
C GLN A 667 9.87 -22.40 10.90
N TYR A 668 9.55 -23.14 9.84
CA TYR A 668 8.18 -23.23 9.40
C TYR A 668 7.28 -23.87 10.45
N LEU A 669 7.77 -24.94 11.07
CA LEU A 669 6.97 -25.59 12.12
C LEU A 669 6.77 -24.66 13.31
N ALA A 670 7.80 -23.91 13.68
CA ALA A 670 7.66 -22.97 14.79
C ALA A 670 6.65 -21.88 14.47
N ASN A 671 6.71 -21.36 13.25
CA ASN A 671 5.83 -20.23 12.92
C ASN A 671 4.41 -20.69 12.68
N VAL A 672 4.18 -21.98 12.42
CA VAL A 672 2.81 -22.47 12.45
C VAL A 672 2.39 -22.80 13.87
N SER A 673 3.34 -23.17 14.73
CA SER A 673 3.02 -23.42 16.12
C SER A 673 2.56 -22.15 16.82
N LEU A 674 3.13 -21.00 16.44
CA LEU A 674 2.67 -19.75 17.02
C LEU A 674 1.19 -19.50 16.71
N LYS A 675 0.80 -19.73 15.45
CA LYS A 675 -0.60 -19.59 15.09
C LYS A 675 -1.48 -20.58 15.87
N ILE A 676 -1.02 -21.83 15.97
CA ILE A 676 -1.83 -22.83 16.66
C ILE A 676 -2.01 -22.44 18.12
N ASN A 677 -0.98 -21.87 18.73
CA ASN A 677 -1.08 -21.45 20.12
C ASN A 677 -2.02 -20.27 20.29
N VAL A 678 -1.92 -19.26 19.43
CA VAL A 678 -2.81 -18.12 19.58
C VAL A 678 -4.24 -18.41 19.18
N LYS A 679 -4.46 -19.47 18.39
CA LYS A 679 -5.81 -19.80 17.93
C LYS A 679 -6.69 -20.40 19.01
N MET A 680 -6.13 -20.81 20.15
CA MET A 680 -6.89 -21.46 21.20
C MET A 680 -7.11 -20.57 22.41
N GLY A 681 -7.05 -19.26 22.22
CA GLY A 681 -7.29 -18.33 23.31
C GLY A 681 -6.10 -18.07 24.19
N GLY A 682 -4.93 -18.63 23.87
CA GLY A 682 -3.73 -18.33 24.62
C GLY A 682 -3.00 -17.13 24.06
N ARG A 683 -1.87 -16.82 24.68
CA ARG A 683 -0.98 -15.78 24.20
C ARG A 683 0.45 -16.25 24.41
N ASN A 684 1.35 -15.73 23.60
CA ASN A 684 2.71 -16.23 23.58
C ASN A 684 3.77 -15.18 23.86
N THR A 685 3.49 -13.90 23.62
CA THR A 685 4.42 -12.82 23.94
C THR A 685 3.66 -11.75 24.72
N VAL A 686 4.31 -11.19 25.74
CA VAL A 686 3.69 -10.15 26.55
C VAL A 686 4.74 -9.09 26.86
N LEU A 687 4.33 -7.83 26.79
CA LEU A 687 5.24 -6.73 27.09
C LEU A 687 5.57 -6.70 28.58
N VAL A 688 6.86 -6.56 28.89
CA VAL A 688 7.28 -6.48 30.28
C VAL A 688 6.68 -5.24 30.93
N ASP A 689 6.60 -4.14 30.17
CA ASP A 689 6.04 -2.91 30.71
C ASP A 689 4.59 -3.09 31.13
N ALA A 690 3.80 -3.78 30.30
CA ALA A 690 2.39 -3.97 30.62
C ALA A 690 2.20 -4.85 31.85
N ILE A 691 3.01 -5.90 32.00
CA ILE A 691 2.90 -6.78 33.15
C ILE A 691 3.14 -6.00 34.44
N SER A 692 4.21 -5.21 34.46
CA SER A 692 4.53 -4.42 35.64
C SER A 692 3.56 -3.27 35.87
N CYS A 693 2.66 -3.01 34.91
CA CYS A 693 1.71 -1.90 34.98
C CYS A 693 2.46 -0.57 35.11
N ARG A 694 3.32 -0.31 34.13
CA ARG A 694 4.12 0.90 34.09
C ARG A 694 4.00 1.69 32.81
N ILE A 695 3.45 1.13 31.75
CA ILE A 695 3.31 1.86 30.48
C ILE A 695 2.34 3.02 30.70
N PRO A 696 2.60 4.20 30.12
CA PRO A 696 1.80 5.37 30.50
C PRO A 696 0.43 5.39 29.86
N LEU A 697 -0.55 5.82 30.65
CA LEU A 697 -1.92 6.10 30.19
C LEU A 697 -2.63 4.87 29.64
N VAL A 698 -2.02 3.69 29.78
CA VAL A 698 -2.59 2.44 29.30
C VAL A 698 -2.75 1.42 30.41
N SER A 699 -1.73 1.27 31.25
CA SER A 699 -1.70 0.23 32.27
C SER A 699 -1.97 0.77 33.67
N ASP A 700 -2.86 1.74 33.78
CA ASP A 700 -3.33 2.19 35.09
C ASP A 700 -4.84 2.08 35.24
N ILE A 701 -5.59 2.28 34.16
CA ILE A 701 -7.04 2.07 34.15
C ILE A 701 -7.38 1.23 32.93
N PRO A 702 -8.52 0.53 32.95
CA PRO A 702 -8.86 -0.35 31.81
C PRO A 702 -8.89 0.35 30.46
N THR A 703 -7.99 -0.05 29.56
CA THR A 703 -7.87 0.53 28.23
C THR A 703 -8.00 -0.57 27.18
N ILE A 704 -8.76 -0.31 26.12
CA ILE A 704 -8.94 -1.24 25.03
C ILE A 704 -8.47 -0.58 23.74
N ILE A 705 -7.65 -1.28 22.98
CA ILE A 705 -7.01 -0.75 21.79
C ILE A 705 -7.67 -1.36 20.57
N PHE A 706 -8.53 -0.59 19.91
CA PHE A 706 -9.41 -1.07 18.86
C PHE A 706 -8.68 -1.19 17.52
N GLY A 707 -9.45 -1.39 16.46
CA GLY A 707 -8.92 -1.41 15.11
C GLY A 707 -10.07 -1.43 14.13
N ALA A 708 -9.75 -1.14 12.87
CA ALA A 708 -10.77 -1.12 11.85
C ALA A 708 -10.12 -1.18 10.47
N ASP A 709 -10.91 -1.58 9.48
CA ASP A 709 -10.46 -1.66 8.09
C ASP A 709 -11.66 -2.05 7.25
N VAL A 710 -11.50 -1.97 5.94
CA VAL A 710 -12.50 -2.44 4.99
C VAL A 710 -11.80 -3.17 3.85
N THR A 711 -12.56 -3.97 3.12
CA THR A 711 -12.00 -4.66 1.92
C THR A 711 -13.07 -4.66 0.82
N HIS A 712 -12.95 -3.76 -0.15
CA HIS A 712 -13.92 -3.63 -1.22
C HIS A 712 -13.83 -4.83 -2.16
N PRO A 713 -14.95 -5.19 -2.82
CA PRO A 713 -14.97 -6.46 -3.56
C PRO A 713 -14.07 -6.49 -4.76
N GLU A 714 -14.03 -5.43 -5.57
CA GLU A 714 -13.33 -5.43 -6.85
C GLU A 714 -13.79 -6.59 -7.72
N ASN A 715 -15.10 -6.77 -7.79
CA ASN A 715 -15.69 -7.84 -8.61
C ASN A 715 -17.12 -7.40 -8.95
N GLY A 716 -17.31 -6.93 -10.17
CA GLY A 716 -18.61 -6.42 -10.55
C GLY A 716 -18.89 -5.12 -9.82
N GLU A 717 -20.16 -4.72 -9.87
CA GLU A 717 -20.61 -3.50 -9.22
C GLU A 717 -22.03 -3.68 -8.70
N GLU A 718 -22.32 -3.06 -7.56
CA GLU A 718 -23.64 -3.02 -6.94
C GLU A 718 -24.18 -4.40 -6.60
N SER A 719 -23.36 -5.44 -6.67
CA SER A 719 -23.80 -6.80 -6.36
C SER A 719 -23.08 -7.41 -5.17
N SER A 720 -21.76 -7.33 -5.13
CA SER A 720 -21.01 -7.93 -4.03
C SER A 720 -20.70 -6.86 -2.99
N PRO A 721 -21.26 -6.98 -1.79
CA PRO A 721 -21.02 -5.96 -0.77
C PRO A 721 -19.57 -5.94 -0.31
N SER A 722 -19.12 -4.75 0.07
CA SER A 722 -17.83 -4.60 0.72
C SER A 722 -18.00 -4.82 2.21
N ILE A 723 -17.07 -5.54 2.81
CA ILE A 723 -17.20 -6.05 4.18
C ILE A 723 -16.23 -5.33 5.09
N ALA A 724 -16.65 -5.08 6.32
CA ALA A 724 -15.88 -4.31 7.29
C ALA A 724 -15.55 -5.17 8.50
N ALA A 725 -14.39 -4.93 9.09
CA ALA A 725 -13.92 -5.70 10.23
C ALA A 725 -13.44 -4.77 11.33
N VAL A 726 -13.64 -5.19 12.58
CA VAL A 726 -13.21 -4.44 13.75
C VAL A 726 -12.64 -5.42 14.76
N VAL A 727 -11.52 -5.07 15.37
CA VAL A 727 -10.90 -5.90 16.40
C VAL A 727 -10.67 -5.07 17.64
N ALA A 728 -10.57 -5.74 18.78
CA ALA A 728 -10.37 -5.04 20.05
C ALA A 728 -9.70 -5.96 21.04
N SER A 729 -8.87 -5.38 21.91
CA SER A 729 -8.20 -6.17 22.93
C SER A 729 -9.20 -6.71 23.93
N GLN A 730 -8.80 -7.74 24.67
CA GLN A 730 -9.72 -8.42 25.57
C GLN A 730 -9.08 -8.77 26.91
N ASP A 731 -8.06 -8.02 27.33
CA ASP A 731 -7.47 -8.18 28.64
C ASP A 731 -6.62 -6.96 28.96
N TRP A 732 -6.88 -6.35 30.12
CA TRP A 732 -6.24 -5.08 30.45
C TRP A 732 -4.82 -5.15 30.99
N PRO A 733 -4.50 -6.02 31.96
CA PRO A 733 -3.14 -6.01 32.51
C PRO A 733 -2.09 -6.22 31.44
N GLU A 734 -2.40 -7.00 30.42
CA GLU A 734 -1.54 -7.14 29.25
C GLU A 734 -2.44 -7.18 28.02
N VAL A 735 -2.12 -6.36 27.02
CA VAL A 735 -2.95 -6.22 25.84
C VAL A 735 -2.29 -7.01 24.70
N THR A 736 -2.69 -8.27 24.58
CA THR A 736 -2.20 -9.14 23.52
C THR A 736 -3.29 -9.95 22.85
N LYS A 737 -4.43 -10.16 23.49
CA LYS A 737 -5.49 -11.01 22.96
C LYS A 737 -6.57 -10.15 22.33
N TYR A 738 -6.85 -10.37 21.05
CA TYR A 738 -7.89 -9.65 20.34
C TYR A 738 -9.01 -10.61 19.97
N ALA A 739 -10.14 -10.04 19.54
CA ALA A 739 -11.29 -10.85 19.15
C ALA A 739 -12.10 -10.04 18.13
N GLY A 740 -11.91 -10.35 16.87
CA GLY A 740 -12.56 -9.58 15.83
C GLY A 740 -13.92 -10.12 15.45
N LEU A 741 -14.71 -9.26 14.80
CA LEU A 741 -15.99 -9.66 14.24
C LEU A 741 -16.29 -8.76 13.05
N VAL A 742 -16.92 -9.33 12.03
CA VAL A 742 -17.06 -8.70 10.73
C VAL A 742 -18.54 -8.56 10.40
N CYS A 743 -18.84 -7.59 9.52
CA CYS A 743 -20.17 -7.44 8.96
C CYS A 743 -20.04 -6.90 7.55
N ALA A 744 -21.07 -7.11 6.74
CA ALA A 744 -21.13 -6.56 5.40
C ALA A 744 -21.79 -5.20 5.41
N GLN A 745 -21.48 -4.39 4.39
CA GLN A 745 -22.01 -3.05 4.30
C GLN A 745 -22.26 -2.72 2.83
N ALA A 746 -22.75 -1.52 2.58
CA ALA A 746 -23.09 -1.09 1.24
C ALA A 746 -21.88 -1.16 0.32
N HIS A 747 -22.14 -1.13 -0.98
CA HIS A 747 -21.09 -1.36 -1.96
C HIS A 747 -20.12 -0.18 -1.99
N ARG A 748 -18.84 -0.47 -1.76
CA ARG A 748 -17.75 0.51 -1.88
C ARG A 748 -18.03 1.77 -1.07
N GLN A 749 -18.35 1.58 0.21
CA GLN A 749 -18.49 2.67 1.16
C GLN A 749 -17.32 2.59 2.13
N GLU A 750 -16.55 3.69 2.22
CA GLU A 750 -15.30 3.62 2.96
C GLU A 750 -15.51 3.65 4.47
N LEU A 751 -16.51 4.39 4.95
CA LEU A 751 -16.77 4.40 6.37
C LEU A 751 -17.22 3.01 6.85
N ILE A 752 -16.91 2.71 8.11
CA ILE A 752 -17.41 1.50 8.74
C ILE A 752 -18.90 1.75 8.99
N GLN A 753 -19.75 1.10 8.20
CA GLN A 753 -21.15 1.54 8.11
C GLN A 753 -21.88 1.35 9.43
N ASP A 754 -21.70 0.21 10.09
CA ASP A 754 -22.50 -0.13 11.26
C ASP A 754 -21.63 -0.35 12.49
N LEU A 755 -21.31 0.74 13.19
CA LEU A 755 -20.76 0.62 14.53
C LEU A 755 -21.90 0.51 15.54
N TYR A 756 -22.86 1.42 15.44
CA TYR A 756 -24.04 1.49 16.29
C TYR A 756 -25.26 1.55 15.39
N LYS A 757 -26.04 0.49 15.36
CA LYS A 757 -27.28 0.43 14.59
C LYS A 757 -28.44 0.09 15.53
N THR A 758 -29.58 0.74 15.31
CA THR A 758 -30.75 0.55 16.13
C THR A 758 -31.93 0.19 15.25
N TRP A 759 -32.56 -0.94 15.56
CA TRP A 759 -33.76 -1.37 14.85
C TRP A 759 -34.88 -1.62 15.85
N GLN A 760 -36.08 -1.21 15.48
CA GLN A 760 -37.23 -1.37 16.37
C GLN A 760 -37.59 -2.84 16.51
N ASP A 761 -37.77 -3.28 17.76
CA ASP A 761 -38.17 -4.65 18.06
C ASP A 761 -39.30 -4.60 19.06
N PRO A 762 -40.54 -4.89 18.65
CA PRO A 762 -41.68 -4.74 19.57
C PRO A 762 -41.56 -5.61 20.81
N VAL A 763 -40.92 -6.77 20.71
CA VAL A 763 -40.75 -7.64 21.88
C VAL A 763 -39.87 -6.96 22.91
N ARG A 764 -38.79 -6.33 22.48
CA ARG A 764 -37.81 -5.75 23.40
C ARG A 764 -37.80 -4.22 23.41
N GLY A 765 -38.24 -3.58 22.34
CA GLY A 765 -38.21 -2.13 22.27
C GLY A 765 -37.18 -1.59 21.30
N THR A 766 -36.49 -0.52 21.70
CA THR A 766 -35.46 0.09 20.86
C THR A 766 -34.11 -0.57 21.14
N VAL A 767 -33.98 -1.81 20.66
CA VAL A 767 -32.77 -2.58 20.90
C VAL A 767 -31.60 -1.94 20.18
N SER A 768 -30.40 -2.15 20.71
CA SER A 768 -29.16 -1.64 20.14
C SER A 768 -28.26 -2.81 19.77
N GLY A 769 -27.09 -2.48 19.23
CA GLY A 769 -26.15 -3.51 18.84
C GLY A 769 -24.99 -3.00 18.00
N GLY A 770 -24.64 -3.74 16.96
CA GLY A 770 -23.55 -3.35 16.10
C GLY A 770 -22.27 -4.11 16.37
N MET A 771 -21.15 -3.40 16.43
CA MET A 771 -19.86 -3.98 16.78
C MET A 771 -19.32 -3.47 18.11
N ILE A 772 -19.50 -2.18 18.40
CA ILE A 772 -18.93 -1.61 19.61
C ILE A 772 -19.57 -2.21 20.86
N ARG A 773 -20.89 -2.33 20.85
CA ARG A 773 -21.57 -2.93 21.99
C ARG A 773 -21.06 -4.35 22.23
N ASP A 774 -20.96 -5.13 21.16
CA ASP A 774 -20.55 -6.52 21.31
C ASP A 774 -19.11 -6.63 21.79
N LEU A 775 -18.23 -5.76 21.29
CA LEU A 775 -16.83 -5.86 21.68
C LEU A 775 -16.61 -5.38 23.11
N LEU A 776 -17.30 -4.31 23.53
CA LEU A 776 -17.22 -3.89 24.91
C LEU A 776 -17.82 -4.93 25.85
N ILE A 777 -18.92 -5.56 25.45
CA ILE A 777 -19.51 -6.61 26.28
C ILE A 777 -18.55 -7.79 26.39
N SER A 778 -17.92 -8.18 25.28
CA SER A 778 -16.97 -9.27 25.33
C SER A 778 -15.78 -8.93 26.22
N PHE A 779 -15.28 -7.70 26.14
CA PHE A 779 -14.17 -7.31 27.01
C PHE A 779 -14.58 -7.35 28.47
N ARG A 780 -15.79 -6.85 28.78
CA ARG A 780 -16.25 -6.87 30.16
C ARG A 780 -16.38 -8.29 30.67
N LYS A 781 -16.92 -9.20 29.85
CA LYS A 781 -17.05 -10.58 30.27
C LYS A 781 -15.68 -11.23 30.45
N ALA A 782 -14.73 -10.93 29.58
CA ALA A 782 -13.44 -11.62 29.62
C ALA A 782 -12.48 -11.03 30.63
N THR A 783 -12.72 -9.83 31.15
CA THR A 783 -11.86 -9.26 32.17
C THR A 783 -12.58 -9.08 33.51
N GLY A 784 -13.69 -8.35 33.52
CA GLY A 784 -14.42 -8.13 34.76
C GLY A 784 -14.85 -6.70 34.95
N GLN A 785 -14.06 -5.76 34.43
CA GLN A 785 -14.32 -4.34 34.61
C GLN A 785 -14.47 -3.66 33.26
N LYS A 786 -15.46 -2.78 33.16
CA LYS A 786 -15.69 -2.06 31.92
C LYS A 786 -14.51 -1.17 31.60
N PRO A 787 -14.13 -1.08 30.33
CA PRO A 787 -13.00 -0.24 29.96
C PRO A 787 -13.28 1.22 30.27
N LEU A 788 -12.23 1.94 30.68
CA LEU A 788 -12.36 3.35 31.03
C LEU A 788 -11.52 4.25 30.15
N ARG A 789 -10.99 3.73 29.04
CA ARG A 789 -10.26 4.56 28.08
C ARG A 789 -10.19 3.80 26.77
N ILE A 790 -10.80 4.34 25.73
CA ILE A 790 -10.84 3.69 24.42
C ILE A 790 -9.78 4.31 23.53
N ILE A 791 -8.93 3.48 22.95
CA ILE A 791 -7.96 3.90 21.95
C ILE A 791 -8.33 3.23 20.64
N PHE A 792 -8.46 4.02 19.59
CA PHE A 792 -9.06 3.55 18.35
C PHE A 792 -8.07 3.77 17.23
N TYR A 793 -7.93 2.80 16.33
CA TYR A 793 -6.87 2.82 15.33
C TYR A 793 -7.44 2.69 13.92
N ARG A 794 -8.43 3.52 13.61
CA ARG A 794 -9.06 3.48 12.28
C ARG A 794 -8.03 3.55 11.19
N ALA A 795 -7.94 2.49 10.39
CA ALA A 795 -6.91 2.36 9.38
C ALA A 795 -7.49 2.61 7.99
N GLY A 796 -6.66 3.18 7.12
CA GLY A 796 -7.02 3.30 5.72
C GLY A 796 -8.12 4.30 5.39
N VAL A 797 -7.84 5.59 5.54
CA VAL A 797 -8.74 6.64 5.07
C VAL A 797 -7.91 7.73 4.41
N SER A 798 -8.59 8.56 3.61
CA SER A 798 -7.94 9.60 2.83
C SER A 798 -8.01 10.94 3.54
N GLU A 799 -7.00 11.78 3.28
CA GLU A 799 -6.95 13.09 3.89
C GLU A 799 -8.16 13.93 3.51
N GLY A 800 -8.72 13.68 2.33
CA GLY A 800 -9.91 14.41 1.93
C GLY A 800 -11.09 14.19 2.86
N GLN A 801 -11.23 12.97 3.39
CA GLN A 801 -12.37 12.64 4.23
C GLN A 801 -11.98 12.29 5.66
N PHE A 802 -10.79 12.70 6.11
CA PHE A 802 -10.48 12.59 7.53
C PHE A 802 -11.58 13.19 8.39
N TYR A 803 -12.01 14.41 8.08
CA TYR A 803 -12.98 15.05 8.97
C TYR A 803 -14.31 14.30 8.99
N GLN A 804 -14.79 13.89 7.81
CA GLN A 804 -16.07 13.19 7.77
C GLN A 804 -16.00 11.84 8.49
N VAL A 805 -14.92 11.10 8.29
CA VAL A 805 -14.80 9.80 8.96
C VAL A 805 -14.65 10.01 10.46
N LEU A 806 -13.89 11.00 10.89
CA LEU A 806 -13.80 11.30 12.32
C LEU A 806 -15.17 11.57 12.90
N LEU A 807 -15.93 12.45 12.24
CA LEU A 807 -17.25 12.80 12.74
C LEU A 807 -18.12 11.56 12.90
N TYR A 808 -18.22 10.76 11.84
CA TYR A 808 -19.14 9.63 11.89
C TYR A 808 -18.69 8.57 12.90
N GLU A 809 -17.42 8.14 12.83
CA GLU A 809 -16.97 7.09 13.74
C GLU A 809 -17.03 7.54 15.18
N LEU A 810 -16.62 8.77 15.49
CA LEU A 810 -16.62 9.18 16.88
C LEU A 810 -18.03 9.38 17.39
N ASP A 811 -18.95 9.86 16.54
CA ASP A 811 -20.34 9.92 16.96
C ASP A 811 -20.87 8.53 17.24
N ALA A 812 -20.51 7.55 16.41
CA ALA A 812 -20.95 6.18 16.62
C ALA A 812 -20.40 5.63 17.94
N ILE A 813 -19.13 5.89 18.22
CA ILE A 813 -18.51 5.40 19.45
C ILE A 813 -19.22 6.01 20.66
N ARG A 814 -19.43 7.33 20.62
CA ARG A 814 -20.09 7.98 21.75
C ARG A 814 -21.50 7.45 21.96
N LYS A 815 -22.26 7.30 20.88
CA LYS A 815 -23.62 6.78 21.01
C LYS A 815 -23.61 5.36 21.55
N ALA A 816 -22.73 4.50 21.03
CA ALA A 816 -22.70 3.12 21.47
C ALA A 816 -22.35 3.01 22.94
N CYS A 817 -21.29 3.70 23.38
CA CYS A 817 -20.92 3.65 24.78
C CYS A 817 -22.01 4.24 25.67
N ALA A 818 -22.60 5.36 25.25
CA ALA A 818 -23.66 5.96 26.05
C ALA A 818 -24.90 5.07 26.12
N SER A 819 -25.07 4.15 25.18
CA SER A 819 -26.19 3.22 25.22
C SER A 819 -25.86 1.94 25.95
N LEU A 820 -24.66 1.80 26.50
CA LEU A 820 -24.28 0.61 27.25
C LEU A 820 -24.44 0.78 28.76
N GLU A 821 -24.28 2.00 29.27
CA GLU A 821 -24.49 2.30 30.67
C GLU A 821 -24.63 3.80 30.77
N PRO A 822 -25.61 4.31 31.53
CA PRO A 822 -25.77 5.76 31.63
C PRO A 822 -24.53 6.42 32.22
N ASN A 823 -24.22 7.62 31.70
CA ASN A 823 -23.07 8.40 32.15
C ASN A 823 -21.77 7.63 32.02
N TYR A 824 -21.54 7.06 30.84
CA TYR A 824 -20.34 6.28 30.54
C TYR A 824 -19.76 6.80 29.24
N GLN A 825 -18.92 7.82 29.34
CA GLN A 825 -18.23 8.39 28.18
C GLN A 825 -16.73 8.25 28.37
N PRO A 826 -16.08 7.28 27.72
CA PRO A 826 -14.66 7.10 27.90
C PRO A 826 -13.87 8.03 26.98
N PRO A 827 -12.74 8.53 27.43
CA PRO A 827 -11.90 9.35 26.53
C PRO A 827 -11.35 8.57 25.36
N VAL A 828 -11.82 8.89 24.16
CA VAL A 828 -11.43 8.20 22.94
C VAL A 828 -10.17 8.85 22.39
N THR A 829 -9.41 8.11 21.57
CA THR A 829 -8.20 8.65 20.96
C THR A 829 -8.03 8.02 19.58
N PHE A 830 -8.52 8.70 18.55
CA PHE A 830 -8.34 8.22 17.19
C PHE A 830 -6.89 8.29 16.78
N ILE A 831 -6.44 7.30 16.01
CA ILE A 831 -5.12 7.30 15.42
C ILE A 831 -5.27 6.69 14.03
N VAL A 832 -5.21 7.53 13.00
CA VAL A 832 -5.37 7.04 11.64
C VAL A 832 -4.02 6.58 11.10
N VAL A 833 -3.99 5.37 10.56
CA VAL A 833 -2.76 4.78 10.04
C VAL A 833 -2.78 4.86 8.52
N GLN A 834 -1.70 5.34 7.93
CA GLN A 834 -1.52 5.36 6.50
C GLN A 834 -0.20 4.69 6.16
N LYS A 835 -0.16 3.94 5.07
CA LYS A 835 1.09 3.32 4.65
C LYS A 835 1.52 3.72 3.25
N ARG A 836 0.59 3.79 2.31
CA ARG A 836 0.97 4.08 0.90
C ARG A 836 1.28 5.58 0.75
N HIS A 837 2.37 6.04 1.38
CA HIS A 837 2.73 7.49 1.32
C HIS A 837 4.05 7.63 0.56
N HIS A 838 4.26 8.74 -0.15
CA HIS A 838 5.50 8.84 -0.98
C HIS A 838 6.56 9.68 -0.25
N THR A 839 6.76 9.44 1.04
CA THR A 839 7.82 10.14 1.81
C THR A 839 8.78 9.10 2.34
N ARG A 840 9.96 8.97 1.73
CA ARG A 840 10.95 8.00 2.14
C ARG A 840 11.78 8.54 3.30
N LEU A 841 12.69 7.69 3.80
CA LEU A 841 13.56 8.06 4.90
C LEU A 841 14.87 7.31 4.74
N PHE A 842 15.97 8.03 4.67
CA PHE A 842 17.31 7.45 4.58
C PHE A 842 18.11 7.81 5.82
N ALA A 843 19.37 7.41 5.83
CA ALA A 843 20.29 7.72 6.91
C ALA A 843 21.28 8.78 6.46
N ASN A 844 21.74 9.59 7.41
CA ASN A 844 22.57 10.74 7.06
C ASN A 844 23.86 10.29 6.38
N ASN A 845 24.58 9.36 7.00
CA ASN A 845 25.75 8.75 6.38
C ASN A 845 25.46 7.27 6.18
N HIS A 846 25.60 6.81 4.94
CA HIS A 846 25.31 5.42 4.61
C HIS A 846 26.53 4.53 4.71
N ARG A 847 27.57 4.96 5.44
CA ARG A 847 28.70 4.11 5.80
C ARG A 847 28.92 4.27 7.30
N ASP A 848 28.13 3.55 8.09
CA ASP A 848 28.20 3.59 9.56
C ASP A 848 27.33 2.46 10.09
N LYS A 849 27.13 2.46 11.41
CA LYS A 849 26.28 1.48 12.08
C LYS A 849 24.81 1.89 12.12
N ASN A 850 24.46 3.06 11.58
CA ASN A 850 23.08 3.51 11.55
C ASN A 850 22.34 2.90 10.35
N SER A 851 22.26 1.58 10.38
CA SER A 851 21.56 0.82 9.35
C SER A 851 21.30 -0.58 9.87
N THR A 852 20.39 -1.28 9.21
CA THR A 852 20.10 -2.66 9.57
C THR A 852 21.20 -3.58 9.03
N ASP A 853 21.05 -4.87 9.30
CA ASP A 853 22.01 -5.85 8.79
C ASP A 853 22.02 -5.87 7.28
N ARG A 854 20.84 -5.80 6.67
CA ARG A 854 20.69 -5.79 5.22
C ARG A 854 19.73 -4.68 4.83
N SER A 855 19.84 -4.23 3.58
CA SER A 855 19.03 -3.11 3.09
C SER A 855 19.25 -1.88 3.97
N GLY A 856 20.47 -1.35 3.88
CA GLY A 856 20.97 -0.47 4.92
C GLY A 856 20.27 0.85 5.03
N ASN A 857 18.96 0.80 5.29
CA ASN A 857 18.18 1.98 5.60
C ASN A 857 18.09 2.16 7.11
N ILE A 858 17.19 3.04 7.54
CA ILE A 858 17.11 3.46 8.93
C ILE A 858 16.85 2.28 9.87
N LEU A 859 17.17 2.50 11.14
CA LEU A 859 16.96 1.48 12.17
C LEU A 859 15.47 1.29 12.44
N PRO A 860 15.08 0.14 12.93
CA PRO A 860 13.68 -0.05 13.32
C PRO A 860 13.33 0.72 14.58
N GLY A 861 12.51 1.75 14.43
CA GLY A 861 12.02 2.47 15.59
C GLY A 861 12.11 3.97 15.47
N THR A 862 12.65 4.48 14.37
CA THR A 862 12.80 5.93 14.23
C THR A 862 11.44 6.60 14.17
N VAL A 863 11.34 7.78 14.77
CA VAL A 863 10.15 8.61 14.68
C VAL A 863 10.57 9.96 14.15
N VAL A 864 9.87 10.45 13.13
CA VAL A 864 10.19 11.72 12.49
C VAL A 864 8.92 12.57 12.57
N ASP A 865 8.80 13.37 13.62
CA ASP A 865 7.65 14.25 13.78
C ASP A 865 8.03 15.72 13.67
N THR A 866 9.21 16.02 13.15
CA THR A 866 9.68 17.39 13.01
C THR A 866 9.97 17.66 11.54
N LYS A 867 9.53 18.81 11.05
CA LYS A 867 9.98 19.38 9.79
C LYS A 867 9.45 18.65 8.56
N ILE A 868 8.85 17.47 8.74
CA ILE A 868 8.07 16.86 7.67
C ILE A 868 6.81 16.26 8.26
N CYS A 869 5.72 17.02 8.24
CA CYS A 869 4.44 16.60 8.81
C CYS A 869 3.44 17.72 8.54
N HIS A 870 2.21 17.50 8.99
CA HIS A 870 1.23 18.58 8.96
C HIS A 870 1.60 19.57 10.06
N PRO A 871 1.88 20.84 9.72
CA PRO A 871 2.49 21.74 10.71
C PRO A 871 1.64 21.98 11.95
N THR A 872 0.31 21.96 11.86
CA THR A 872 -0.53 22.28 12.99
C THR A 872 -1.35 21.10 13.51
N GLU A 873 -1.28 19.95 12.87
CA GLU A 873 -2.01 18.77 13.30
C GLU A 873 -1.05 17.71 13.81
N PHE A 874 -1.45 17.04 14.88
CA PHE A 874 -0.55 16.15 15.61
C PHE A 874 -0.41 14.84 14.87
N ASP A 875 0.71 14.66 14.18
CA ASP A 875 0.98 13.41 13.46
C ASP A 875 2.48 13.20 13.43
N PHE A 876 2.88 11.96 13.17
CA PHE A 876 4.29 11.61 13.21
C PHE A 876 4.54 10.38 12.36
N TYR A 877 5.55 10.45 11.51
CA TYR A 877 5.98 9.26 10.81
C TYR A 877 6.53 8.25 11.81
N LEU A 878 6.79 7.04 11.33
CA LEU A 878 7.41 6.01 12.17
C LEU A 878 7.73 4.83 11.27
N CYS A 879 8.79 4.10 11.58
CA CYS A 879 9.19 2.91 10.84
C CYS A 879 9.65 1.86 11.83
N SER A 880 8.73 1.00 12.27
CA SER A 880 9.02 0.06 13.34
C SER A 880 9.51 -1.29 12.83
N HIS A 881 9.60 -1.49 11.52
CA HIS A 881 9.93 -2.79 10.94
C HIS A 881 11.30 -2.73 10.28
N ALA A 882 12.09 -3.77 10.50
CA ALA A 882 13.38 -3.85 9.85
C ALA A 882 13.20 -4.08 8.36
N GLY A 883 13.97 -3.38 7.54
CA GLY A 883 13.89 -3.58 6.10
C GLY A 883 14.56 -4.87 5.68
N ILE A 884 14.19 -5.34 4.49
CA ILE A 884 14.79 -6.54 3.90
C ILE A 884 15.42 -6.25 2.54
N GLN A 885 14.75 -5.47 1.69
CA GLN A 885 15.34 -5.00 0.45
C GLN A 885 14.60 -3.75 0.01
N GLY A 886 15.27 -2.95 -0.82
CA GLY A 886 14.67 -1.70 -1.21
C GLY A 886 14.65 -0.72 -0.04
N THR A 887 13.82 0.30 -0.19
CA THR A 887 13.66 1.29 0.87
C THR A 887 12.68 0.75 1.91
N SER A 888 12.35 1.58 2.90
CA SER A 888 11.42 1.19 3.95
C SER A 888 10.34 2.27 4.05
N ARG A 889 9.13 1.92 3.65
CA ARG A 889 8.02 2.85 3.63
C ARG A 889 7.51 3.08 5.04
N PRO A 890 7.79 4.22 5.66
CA PRO A 890 7.36 4.40 7.05
C PRO A 890 5.87 4.56 7.16
N ALA A 891 5.32 4.05 8.27
CA ALA A 891 3.91 4.26 8.56
C ALA A 891 3.68 5.69 9.01
N HIS A 892 2.56 6.27 8.61
CA HIS A 892 2.26 7.67 8.87
C HIS A 892 1.03 7.74 9.77
N TYR A 893 1.24 7.63 11.08
CA TYR A 893 0.15 7.78 12.03
C TYR A 893 -0.25 9.24 12.11
N HIS A 894 -1.55 9.49 12.11
CA HIS A 894 -2.08 10.85 12.05
C HIS A 894 -3.11 10.99 13.17
N VAL A 895 -2.65 11.37 14.36
CA VAL A 895 -3.51 11.38 15.53
C VAL A 895 -4.63 12.40 15.35
N LEU A 896 -5.85 11.91 15.27
CA LEU A 896 -7.04 12.73 15.19
C LEU A 896 -7.51 13.07 16.61
N TRP A 897 -8.76 13.47 16.76
CA TRP A 897 -9.33 13.92 18.02
C TRP A 897 -8.80 13.13 19.21
N ASP A 898 -8.29 13.86 20.21
CA ASP A 898 -7.67 13.27 21.38
C ASP A 898 -8.16 13.95 22.64
N GLU A 899 -8.52 13.16 23.64
CA GLU A 899 -9.17 13.68 24.84
C GLU A 899 -8.39 13.46 26.11
N ASN A 900 -7.83 12.27 26.32
CA ASN A 900 -7.13 11.94 27.56
C ASN A 900 -5.71 12.51 27.62
N ASN A 901 -5.35 13.41 26.70
CA ASN A 901 -4.12 14.19 26.76
C ASN A 901 -2.89 13.28 26.78
N PHE A 902 -2.71 12.54 25.70
CA PHE A 902 -1.44 11.86 25.49
C PHE A 902 -0.34 12.87 25.17
N THR A 903 0.83 12.65 25.76
CA THR A 903 2.02 13.35 25.33
C THR A 903 2.54 12.72 24.04
N ALA A 904 3.22 13.52 23.22
CA ALA A 904 3.71 13.01 21.95
C ALA A 904 4.70 11.88 22.16
N ASP A 905 5.59 12.01 23.14
CA ASP A 905 6.48 10.90 23.48
C ASP A 905 5.67 9.70 23.97
N GLY A 906 4.59 9.96 24.71
CA GLY A 906 3.76 8.86 25.17
C GLY A 906 3.17 8.05 24.04
N ILE A 907 2.59 8.74 23.05
CA ILE A 907 2.02 8.04 21.90
C ILE A 907 3.11 7.32 21.12
N GLN A 908 4.25 7.99 20.88
CA GLN A 908 5.28 7.34 20.09
C GLN A 908 5.78 6.08 20.78
N SER A 909 6.01 6.15 22.09
CA SER A 909 6.48 4.98 22.83
C SER A 909 5.42 3.88 22.86
N LEU A 910 4.16 4.24 23.11
CA LEU A 910 3.11 3.23 23.18
C LEU A 910 2.92 2.55 21.84
N THR A 911 2.92 3.31 20.75
CA THR A 911 2.75 2.73 19.43
C THR A 911 3.93 1.85 19.03
N ASN A 912 5.16 2.30 19.29
CA ASN A 912 6.30 1.44 18.98
C ASN A 912 6.30 0.18 19.83
N ASN A 913 5.98 0.30 21.13
CA ASN A 913 5.96 -0.88 21.99
C ASN A 913 4.88 -1.85 21.55
N LEU A 914 3.65 -1.36 21.35
CA LEU A 914 2.56 -2.19 20.88
C LEU A 914 2.85 -2.82 19.53
N CYS A 915 3.73 -2.19 18.75
CA CYS A 915 4.06 -2.72 17.43
C CYS A 915 4.88 -4.00 17.50
N TYR A 916 5.29 -4.42 18.69
CA TYR A 916 6.11 -5.62 18.85
C TYR A 916 5.31 -6.86 19.19
N THR A 917 4.26 -6.74 20.00
CA THR A 917 3.45 -7.89 20.39
C THR A 917 2.58 -8.31 19.21
N TYR A 918 3.21 -9.00 18.27
CA TYR A 918 2.50 -9.61 17.15
C TYR A 918 2.34 -11.09 17.43
N ALA A 919 1.12 -11.60 17.25
CA ALA A 919 0.85 -12.98 17.61
C ALA A 919 1.49 -13.95 16.62
N ARG A 920 1.09 -13.87 15.34
CA ARG A 920 1.48 -14.86 14.35
C ARG A 920 2.88 -14.66 13.82
N CYS A 921 3.72 -13.86 14.47
CA CYS A 921 5.07 -13.65 13.99
C CYS A 921 5.97 -13.27 15.15
N THR A 922 7.26 -13.34 14.93
CA THR A 922 8.26 -12.98 15.93
C THR A 922 9.01 -11.71 15.58
N ARG A 923 8.75 -11.11 14.43
CA ARG A 923 9.42 -9.89 14.01
C ARG A 923 8.62 -8.68 14.47
N SER A 924 8.98 -7.51 13.95
CA SER A 924 8.25 -6.28 14.22
C SER A 924 7.41 -5.94 13.00
N VAL A 925 6.15 -5.57 13.22
CA VAL A 925 5.26 -5.31 12.11
C VAL A 925 5.44 -3.87 11.64
N SER A 926 5.06 -3.59 10.40
CA SER A 926 5.15 -2.22 9.90
C SER A 926 4.07 -1.34 10.51
N ILE A 927 2.81 -1.67 10.27
CA ILE A 927 1.69 -0.96 10.88
C ILE A 927 1.17 -1.79 12.04
N VAL A 928 0.72 -1.10 13.09
CA VAL A 928 0.52 -1.70 14.40
C VAL A 928 -0.49 -2.84 14.35
N PRO A 929 -0.37 -3.84 15.20
CA PRO A 929 -1.24 -5.01 15.15
C PRO A 929 -2.72 -4.66 15.30
N PRO A 930 -3.10 -3.67 16.12
CA PRO A 930 -4.53 -3.34 16.18
C PRO A 930 -5.12 -2.91 14.86
N ALA A 931 -4.33 -2.29 13.97
CA ALA A 931 -4.79 -1.93 12.64
C ALA A 931 -4.34 -2.91 11.58
N TYR A 932 -3.60 -3.95 11.97
CA TYR A 932 -3.24 -5.03 11.06
C TYR A 932 -4.23 -6.17 11.12
N TYR A 933 -4.62 -6.56 12.34
CA TYR A 933 -5.60 -7.60 12.53
C TYR A 933 -6.93 -7.24 11.90
N ALA A 934 -7.29 -5.96 11.90
CA ALA A 934 -8.54 -5.57 11.26
C ALA A 934 -8.53 -5.90 9.79
N HIS A 935 -7.48 -5.49 9.08
CA HIS A 935 -7.39 -5.81 7.63
C HIS A 935 -7.32 -7.32 7.46
N LEU A 936 -6.58 -8.01 8.33
CA LEU A 936 -6.40 -9.44 8.15
C LEU A 936 -7.73 -10.17 8.30
N ALA A 937 -8.55 -9.77 9.29
CA ALA A 937 -9.85 -10.39 9.49
C ALA A 937 -10.82 -10.00 8.37
N ALA A 938 -10.73 -8.77 7.87
CA ALA A 938 -11.59 -8.39 6.76
C ALA A 938 -11.26 -9.19 5.52
N PHE A 939 -9.97 -9.40 5.24
CA PHE A 939 -9.57 -10.25 4.12
C PHE A 939 -10.00 -11.69 4.34
N ARG A 940 -9.98 -12.14 5.60
CA ARG A 940 -10.49 -13.47 5.90
C ARG A 940 -11.97 -13.60 5.60
N ALA A 941 -12.75 -12.59 5.95
CA ALA A 941 -14.20 -12.69 5.90
C ALA A 941 -14.76 -12.68 4.49
N ARG A 942 -13.92 -12.47 3.48
CA ARG A 942 -14.46 -12.40 2.10
C ARG A 942 -14.91 -13.80 1.68
N PHE A 943 -14.35 -14.86 2.29
CA PHE A 943 -14.72 -16.22 1.92
C PHE A 943 -16.05 -16.65 2.52
N TYR A 944 -16.60 -15.90 3.47
CA TYR A 944 -17.81 -16.32 4.14
C TYR A 944 -19.07 -16.12 3.31
N LEU A 945 -19.01 -15.34 2.24
CA LEU A 945 -20.18 -15.03 1.44
C LEU A 945 -20.21 -15.88 0.19
N GLU A 946 -21.37 -16.45 -0.10
CA GLU A 946 -21.59 -17.22 -1.32
C GLU A 946 -23.08 -17.51 -1.49
N VAL A 971 -26.49 -4.94 2.96
CA VAL A 971 -27.28 -5.82 2.12
C VAL A 971 -26.66 -7.21 2.07
N LYS A 972 -27.52 -8.24 2.26
CA LYS A 972 -27.10 -9.63 2.30
C LYS A 972 -25.98 -9.82 3.31
N PRO A 973 -26.29 -9.77 4.61
CA PRO A 973 -25.24 -9.94 5.62
C PRO A 973 -24.62 -11.34 5.56
N LEU A 974 -23.35 -11.41 5.94
CA LEU A 974 -22.63 -12.68 5.90
C LEU A 974 -23.21 -13.64 6.94
N PRO A 975 -23.07 -14.94 6.71
CA PRO A 975 -23.48 -15.90 7.75
C PRO A 975 -22.69 -15.68 9.03
N ALA A 976 -23.38 -15.81 10.15
CA ALA A 976 -22.75 -15.52 11.44
C ALA A 976 -21.72 -16.59 11.80
N LEU A 977 -20.70 -16.17 12.52
CA LEU A 977 -19.70 -17.10 13.03
C LEU A 977 -20.23 -17.80 14.27
N LYS A 978 -19.87 -19.08 14.42
CA LYS A 978 -20.29 -19.81 15.60
C LYS A 978 -19.63 -19.22 16.85
N GLU A 979 -20.29 -19.44 17.99
CA GLU A 979 -19.87 -18.79 19.22
C GLU A 979 -18.49 -19.23 19.67
N ASN A 980 -18.18 -20.51 19.52
CA ASN A 980 -16.92 -21.05 20.04
C ASN A 980 -15.73 -20.79 19.13
N VAL A 981 -15.85 -19.91 18.14
CA VAL A 981 -14.72 -19.57 17.29
C VAL A 981 -14.63 -18.06 17.20
N LYS A 982 -15.46 -17.37 17.98
CA LYS A 982 -15.43 -15.91 18.02
C LYS A 982 -14.58 -15.37 19.16
N ARG A 983 -14.62 -15.99 20.33
CA ARG A 983 -13.86 -15.51 21.47
C ARG A 983 -12.36 -15.64 21.27
N VAL A 984 -11.93 -16.50 20.35
CA VAL A 984 -10.52 -16.72 20.09
C VAL A 984 -10.18 -16.03 18.77
N MET A 985 -8.88 -15.91 18.50
CA MET A 985 -8.40 -15.28 17.28
C MET A 985 -8.48 -16.29 16.14
N PHE A 986 -9.69 -16.43 15.58
CA PHE A 986 -9.89 -17.33 14.45
C PHE A 986 -9.12 -16.86 13.23
N TYR A 987 -9.12 -15.55 12.98
CA TYR A 987 -8.61 -15.02 11.72
C TYR A 987 -7.09 -15.12 11.62
N CYS A 988 -6.38 -14.90 12.72
CA CYS A 988 -4.93 -14.81 12.65
C CYS A 988 -4.31 -16.12 12.21
MG MG D . -6.85 -2.95 5.20
#